data_6I4B
#
_entry.id   6I4B
#
_cell.length_a   50.607
_cell.length_b   158.121
_cell.length_c   61.753
_cell.angle_alpha   90.000
_cell.angle_beta   105.670
_cell.angle_gamma   90.000
#
_symmetry.space_group_name_H-M   'P 1 21 1'
#
loop_
_entity.id
_entity.type
_entity.pdbx_description
1 polymer 'Dihydroorotate dehydrogenase (quinone), mitochondrial'
2 non-polymer 'FLAVIN MONONUCLEOTIDE'
3 non-polymer 'OROTIC ACID'
4 non-polymer '1-methyl-3-oxidanyl-5-[[3-(trifluoromethyl)phenoxy]methyl]pyrazole-4-carboxylic acid'
5 water water
#
_entity_poly.entity_id   1
_entity_poly.type   'polypeptide(L)'
_entity_poly.pdbx_seq_one_letter_code
;MHHHHHHSSGVDLGTENLYFQSMFESYNPEFFLYDIFLKFCLKYIDGEICHDLFLLLGKYNILPYDTSNDSIYACTNIKH
LDFINPFGVAAGFDKNGVCIDSILKLGFSFIEIGTITPRGQTGNAKPRIFRDVESRSIINSCGFNNMGCDKVTENLILFR
KRQEEDKLLSKHIVGVSIGKNKDTVNIVDDLKYCINKIGRYADYIAINVSSPNTPGLRDNQEAGKLKNIILSVKEEIDNL
EKNNIMNDEFLWFNTTKKKPLVFVKLAPDLNQEQKKEIADVLLETNIDGMIISNTTTQINDIKSFENKKGGVSGAKLKDI
STKFICEMYNYTNKQIPIIASGGIFSGLDALEKIEAGASVCQLYSCLVFNGMKSAVQIKRELNHLLYQRGYYNLKEAIGR
KHSKS
;
_entity_poly.pdbx_strand_id   A,B
#
# COMPACT_ATOMS: atom_id res chain seq x y z
N MET A 23 1.90 -47.08 -10.73
CA MET A 23 2.64 -45.98 -11.34
C MET A 23 1.71 -44.84 -11.75
N PHE A 24 0.52 -44.79 -11.14
CA PHE A 24 -0.34 -43.62 -11.23
C PHE A 24 -0.54 -42.96 -9.87
N GLU A 25 0.28 -43.35 -8.89
CA GLU A 25 0.24 -42.82 -7.52
C GLU A 25 0.70 -41.38 -7.46
N SER A 26 0.07 -40.50 -8.26
CA SER A 26 0.55 -39.14 -8.45
C SER A 26 0.59 -38.32 -7.17
N TYR A 27 -0.05 -38.79 -6.09
CA TYR A 27 0.00 -38.08 -4.83
C TYR A 27 1.37 -38.13 -4.15
N ASN A 28 2.32 -38.90 -4.69
CA ASN A 28 3.62 -39.07 -4.05
C ASN A 28 4.57 -37.98 -4.53
N PRO A 29 5.17 -37.20 -3.63
CA PRO A 29 6.04 -36.09 -4.06
C PRO A 29 7.27 -36.51 -4.85
N GLU A 30 7.64 -37.80 -4.84
CA GLU A 30 8.79 -38.28 -5.58
C GLU A 30 8.41 -38.91 -6.92
N PHE A 31 7.11 -38.93 -7.24
CA PHE A 31 6.62 -39.38 -8.53
C PHE A 31 7.45 -38.79 -9.67
N PHE A 32 7.88 -39.68 -10.57
CA PHE A 32 8.90 -39.36 -11.56
C PHE A 32 8.51 -38.20 -12.48
N LEU A 33 7.21 -37.96 -12.68
CA LEU A 33 6.81 -36.96 -13.66
C LEU A 33 7.10 -35.54 -13.19
N TYR A 34 7.18 -35.31 -11.87
CA TYR A 34 7.39 -33.97 -11.36
C TYR A 34 8.76 -33.43 -11.76
N ASP A 35 9.80 -34.24 -11.57
CA ASP A 35 11.15 -33.86 -12.01
C ASP A 35 11.18 -33.56 -13.51
N ILE A 36 10.42 -34.31 -14.31
CA ILE A 36 10.43 -34.09 -15.75
C ILE A 36 9.86 -32.72 -16.10
N PHE A 37 8.69 -32.40 -15.54
CA PHE A 37 8.10 -31.08 -15.77
C PHE A 37 9.02 -29.98 -15.23
N LEU A 38 9.76 -30.25 -14.15
CA LEU A 38 10.57 -29.21 -13.52
C LEU A 38 11.81 -28.88 -14.34
N LYS A 39 12.49 -29.89 -14.88
CA LYS A 39 13.64 -29.60 -15.72
C LYS A 39 13.23 -28.83 -16.97
N PHE A 40 12.01 -29.06 -17.44
CA PHE A 40 11.48 -28.31 -18.58
C PHE A 40 11.17 -26.88 -18.19
N CYS A 41 10.54 -26.68 -17.03
CA CYS A 41 10.29 -25.33 -16.54
C CYS A 41 11.61 -24.57 -16.35
N LEU A 42 12.62 -25.25 -15.81
CA LEU A 42 13.89 -24.59 -15.51
C LEU A 42 14.55 -24.02 -16.75
N LYS A 43 14.38 -24.66 -17.90
CA LYS A 43 15.07 -24.21 -19.11
C LYS A 43 14.20 -23.34 -20.01
N TYR A 44 12.88 -23.37 -19.86
CA TYR A 44 12.01 -22.72 -20.82
C TYR A 44 11.02 -21.71 -20.28
N ILE A 45 10.73 -21.68 -18.98
CA ILE A 45 9.62 -20.87 -18.48
C ILE A 45 10.13 -19.87 -17.46
N ASP A 46 9.63 -18.63 -17.57
CA ASP A 46 10.01 -17.55 -16.68
C ASP A 46 9.86 -17.95 -15.22
N GLY A 47 10.77 -17.45 -14.39
CA GLY A 47 10.79 -17.87 -12.99
C GLY A 47 9.50 -17.57 -12.25
N GLU A 48 9.02 -16.33 -12.33
CA GLU A 48 7.82 -15.98 -11.56
C GLU A 48 6.59 -16.67 -12.11
N ILE A 49 6.55 -16.99 -13.41
CA ILE A 49 5.43 -17.74 -13.96
C ILE A 49 5.42 -19.15 -13.39
N CYS A 50 6.57 -19.82 -13.37
CA CYS A 50 6.69 -21.12 -12.71
C CYS A 50 6.13 -21.07 -11.29
N HIS A 51 6.49 -20.01 -10.54
CA HIS A 51 6.07 -19.92 -9.15
C HIS A 51 4.57 -19.80 -9.02
N ASP A 52 3.95 -18.97 -9.87
CA ASP A 52 2.50 -18.80 -9.78
C ASP A 52 1.77 -20.06 -10.23
N LEU A 53 2.35 -20.82 -11.17
CA LEU A 53 1.79 -22.12 -11.50
C LEU A 53 1.80 -23.04 -10.28
N PHE A 54 2.93 -23.08 -9.57
CA PHE A 54 3.02 -23.86 -8.34
C PHE A 54 1.91 -23.46 -7.36
N LEU A 55 1.75 -22.15 -7.14
CA LEU A 55 0.73 -21.67 -6.20
C LEU A 55 -0.68 -22.02 -6.68
N LEU A 56 -0.91 -21.98 -7.99
CA LEU A 56 -2.21 -22.38 -8.52
C LEU A 56 -2.51 -23.84 -8.25
N LEU A 57 -1.54 -24.73 -8.51
CA LEU A 57 -1.72 -26.13 -8.15
C LEU A 57 -2.06 -26.28 -6.66
N GLY A 58 -1.32 -25.57 -5.80
CA GLY A 58 -1.60 -25.63 -4.37
C GLY A 58 -2.97 -25.09 -4.02
N LYS A 59 -3.36 -23.96 -4.64
CA LYS A 59 -4.65 -23.35 -4.37
C LYS A 59 -5.80 -24.34 -4.59
N TYR A 60 -5.73 -25.10 -5.68
CA TYR A 60 -6.76 -26.09 -5.99
C TYR A 60 -6.48 -27.47 -5.39
N ASN A 61 -5.58 -27.54 -4.41
CA ASN A 61 -5.34 -28.78 -3.65
C ASN A 61 -4.93 -29.92 -4.58
N ILE A 62 -4.12 -29.62 -5.59
CA ILE A 62 -3.69 -30.61 -6.57
C ILE A 62 -2.27 -31.10 -6.31
N LEU A 63 -1.56 -30.50 -5.36
CA LEU A 63 -0.19 -30.89 -5.10
C LEU A 63 -0.12 -32.32 -4.54
N PRO A 64 1.00 -33.00 -4.71
CA PRO A 64 1.21 -34.26 -4.00
C PRO A 64 1.49 -33.98 -2.54
N TYR A 65 1.51 -35.04 -1.73
CA TYR A 65 1.62 -34.86 -0.30
C TYR A 65 2.34 -36.06 0.31
N ASP A 66 2.95 -35.81 1.47
CA ASP A 66 3.60 -36.84 2.28
C ASP A 66 3.11 -36.61 3.70
N THR A 67 2.09 -37.36 4.12
CA THR A 67 1.54 -37.26 5.46
C THR A 67 2.14 -38.28 6.41
N SER A 68 3.22 -38.96 6.00
CA SER A 68 3.83 -40.01 6.79
C SER A 68 4.54 -39.43 8.02
N ASN A 69 4.80 -40.30 8.98
CA ASN A 69 5.33 -39.88 10.27
C ASN A 69 6.83 -39.56 10.16
N ASP A 70 7.19 -38.37 10.62
CA ASP A 70 8.59 -37.97 10.69
C ASP A 70 9.25 -38.58 11.93
N SER A 71 10.57 -38.73 11.87
CA SER A 71 11.31 -39.27 13.00
C SER A 71 11.20 -38.34 14.20
N ILE A 72 10.75 -38.89 15.34
CA ILE A 72 10.78 -38.14 16.58
C ILE A 72 12.20 -37.74 16.96
N TYR A 73 13.20 -38.41 16.40
CA TYR A 73 14.60 -38.14 16.68
C TYR A 73 15.16 -37.01 15.84
N ALA A 74 14.35 -36.38 15.00
CA ALA A 74 14.77 -35.20 14.26
C ALA A 74 13.89 -34.00 14.56
N CYS A 75 12.99 -34.11 15.53
CA CYS A 75 12.20 -32.96 15.92
C CYS A 75 13.11 -31.94 16.59
N THR A 76 12.57 -30.75 16.82
CA THR A 76 13.37 -29.66 17.36
C THR A 76 12.43 -28.58 17.86
N ASN A 77 12.98 -27.64 18.63
CA ASN A 77 12.14 -26.59 19.18
C ASN A 77 12.91 -25.28 19.25
N ILE A 78 12.15 -24.18 19.28
CA ILE A 78 12.65 -22.86 19.61
C ILE A 78 11.69 -22.33 20.68
N LYS A 79 12.17 -22.26 21.92
CA LYS A 79 11.30 -22.03 23.07
C LYS A 79 10.11 -22.98 23.00
N HIS A 80 8.89 -22.46 23.02
CA HIS A 80 7.72 -23.34 23.05
C HIS A 80 7.28 -23.82 21.66
N LEU A 81 7.95 -23.40 20.59
CA LEU A 81 7.60 -23.88 19.25
C LEU A 81 8.16 -25.28 19.07
N ASP A 82 7.29 -26.28 18.94
CA ASP A 82 7.72 -27.68 18.78
C ASP A 82 7.57 -28.09 17.31
N PHE A 83 8.67 -28.03 16.56
CA PHE A 83 8.65 -28.38 15.15
C PHE A 83 8.68 -29.91 15.00
N ILE A 84 7.71 -30.47 14.25
CA ILE A 84 7.67 -31.92 14.09
C ILE A 84 8.83 -32.42 13.24
N ASN A 85 9.47 -31.55 12.47
CA ASN A 85 10.70 -31.87 11.77
C ASN A 85 11.44 -30.56 11.53
N PRO A 86 12.71 -30.60 11.11
CA PRO A 86 13.50 -29.37 11.10
C PRO A 86 13.45 -28.53 9.84
N PHE A 87 12.51 -28.75 8.92
CA PHE A 87 12.53 -28.07 7.64
C PHE A 87 11.23 -27.32 7.42
N GLY A 88 11.36 -26.02 7.19
CA GLY A 88 10.23 -25.19 6.82
C GLY A 88 10.50 -24.46 5.52
N VAL A 89 9.49 -23.75 5.07
CA VAL A 89 9.55 -22.97 3.83
C VAL A 89 9.81 -21.52 4.18
N ALA A 90 10.86 -20.95 3.58
CA ALA A 90 11.28 -19.59 3.91
C ALA A 90 10.26 -18.57 3.43
N ALA A 91 10.38 -17.33 3.94
CA ALA A 91 9.45 -16.29 3.54
C ALA A 91 9.67 -15.91 2.08
N GLY A 92 8.61 -15.40 1.46
CA GLY A 92 8.64 -15.06 0.07
C GLY A 92 8.14 -16.15 -0.85
N PHE A 93 8.01 -17.37 -0.36
CA PHE A 93 7.50 -18.44 -1.21
C PHE A 93 5.98 -18.42 -1.26
N ASP A 94 5.34 -18.28 -0.11
CA ASP A 94 3.89 -18.00 -0.05
C ASP A 94 3.72 -16.59 0.52
N LYS A 95 4.01 -15.58 -0.31
CA LYS A 95 3.97 -14.20 0.18
C LYS A 95 2.58 -13.84 0.71
N ASN A 96 1.54 -14.41 0.12
CA ASN A 96 0.16 -14.06 0.41
C ASN A 96 -0.59 -15.11 1.23
N GLY A 97 0.07 -16.21 1.59
CA GLY A 97 -0.57 -17.24 2.39
C GLY A 97 -1.78 -17.87 1.72
N VAL A 98 -1.67 -18.18 0.43
CA VAL A 98 -2.81 -18.68 -0.34
C VAL A 98 -2.87 -20.20 -0.47
N CYS A 99 -1.79 -20.91 -0.15
CA CYS A 99 -1.83 -22.37 -0.15
C CYS A 99 -0.91 -22.90 0.95
N ILE A 100 -1.17 -22.43 2.18
CA ILE A 100 -0.43 -22.89 3.34
C ILE A 100 -0.58 -24.40 3.51
N ASP A 101 -1.83 -24.88 3.54
CA ASP A 101 -2.08 -26.32 3.70
C ASP A 101 -1.25 -27.15 2.74
N SER A 102 -1.36 -26.85 1.44
CA SER A 102 -0.75 -27.68 0.42
C SER A 102 0.76 -27.69 0.52
N ILE A 103 1.36 -26.55 0.85
CA ILE A 103 2.81 -26.47 0.94
C ILE A 103 3.30 -27.27 2.14
N LEU A 104 2.66 -27.09 3.30
CA LEU A 104 3.00 -27.88 4.48
C LEU A 104 2.89 -29.37 4.22
N LYS A 105 1.83 -29.79 3.50
CA LYS A 105 1.61 -31.21 3.30
C LYS A 105 2.61 -31.84 2.35
N LEU A 106 3.49 -31.05 1.74
CA LEU A 106 4.63 -31.60 1.02
C LEU A 106 5.63 -32.28 1.97
N GLY A 107 5.57 -31.99 3.26
CA GLY A 107 6.46 -32.61 4.23
C GLY A 107 7.12 -31.63 5.17
N PHE A 108 6.82 -30.34 5.00
CA PHE A 108 7.43 -29.31 5.84
C PHE A 108 6.70 -29.19 7.17
N SER A 109 7.45 -28.84 8.22
CA SER A 109 6.88 -28.65 9.54
C SER A 109 6.34 -27.23 9.77
N PHE A 110 6.75 -26.27 8.96
CA PHE A 110 6.26 -24.91 9.15
C PHE A 110 6.47 -24.10 7.88
N ILE A 111 5.90 -22.91 7.87
CA ILE A 111 6.08 -21.97 6.78
C ILE A 111 6.06 -20.56 7.36
N GLU A 112 6.84 -19.69 6.76
CA GLU A 112 6.87 -18.27 7.08
C GLU A 112 6.20 -17.55 5.91
N ILE A 113 4.94 -17.14 6.06
CA ILE A 113 4.26 -16.42 4.99
C ILE A 113 4.69 -14.96 5.01
N GLY A 114 4.47 -14.27 3.91
CA GLY A 114 5.00 -12.93 3.76
C GLY A 114 6.27 -12.95 2.93
N THR A 115 6.97 -11.83 2.91
CA THR A 115 6.75 -10.65 3.76
C THR A 115 5.53 -9.83 3.37
N ILE A 116 4.70 -9.47 4.36
CA ILE A 116 3.52 -8.65 4.11
C ILE A 116 3.79 -7.23 4.57
N THR A 117 3.08 -6.28 3.96
CA THR A 117 3.09 -4.87 4.28
C THR A 117 1.67 -4.40 4.59
N PRO A 118 1.52 -3.26 5.29
CA PRO A 118 0.16 -2.81 5.64
C PRO A 118 -0.77 -2.65 4.44
N ARG A 119 -0.36 -1.90 3.43
CA ARG A 119 -1.08 -1.83 2.17
C ARG A 119 -0.49 -2.85 1.18
N GLY A 120 -1.31 -3.29 0.23
CA GLY A 120 -0.80 -4.13 -0.84
C GLY A 120 0.20 -3.39 -1.72
N GLN A 121 1.03 -4.16 -2.43
CA GLN A 121 1.95 -3.59 -3.42
C GLN A 121 2.10 -4.58 -4.57
N THR A 122 2.28 -4.04 -5.77
CA THR A 122 2.62 -4.90 -6.90
C THR A 122 4.10 -5.23 -6.96
N GLY A 123 4.94 -4.48 -6.25
CA GLY A 123 6.36 -4.72 -6.25
C GLY A 123 7.07 -4.09 -7.44
N ASN A 124 8.37 -4.37 -7.54
CA ASN A 124 9.19 -3.79 -8.59
C ASN A 124 8.83 -4.40 -9.95
N ALA A 125 9.39 -3.81 -11.00
CA ALA A 125 9.01 -4.19 -12.36
C ALA A 125 9.45 -5.62 -12.68
N LYS A 126 8.67 -6.28 -13.53
CA LYS A 126 8.91 -7.61 -14.06
C LYS A 126 9.68 -7.54 -15.37
N PRO A 127 10.40 -8.61 -15.75
CA PRO A 127 10.68 -9.80 -14.94
C PRO A 127 11.63 -9.47 -13.80
N ARG A 128 11.52 -10.18 -12.68
CA ARG A 128 12.30 -9.82 -11.51
C ARG A 128 12.74 -11.05 -10.72
N ILE A 129 12.65 -12.24 -11.32
CA ILE A 129 13.18 -13.46 -10.72
C ILE A 129 13.92 -14.20 -11.83
N PHE A 130 15.21 -14.48 -11.60
CA PHE A 130 16.04 -15.12 -12.61
C PHE A 130 16.84 -16.26 -11.99
N ARG A 131 16.90 -17.38 -12.69
CA ARG A 131 17.57 -18.57 -12.21
C ARG A 131 18.87 -18.82 -12.96
N ASP A 132 19.75 -19.60 -12.33
CA ASP A 132 20.97 -20.09 -12.96
C ASP A 132 21.17 -21.52 -12.46
N VAL A 133 20.74 -22.49 -13.27
CA VAL A 133 20.77 -23.89 -12.84
C VAL A 133 22.20 -24.36 -12.63
N GLU A 134 23.14 -23.90 -13.47
CA GLU A 134 24.54 -24.30 -13.34
C GLU A 134 25.02 -24.17 -11.90
N SER A 135 24.72 -23.03 -11.28
CA SER A 135 25.12 -22.76 -9.91
C SER A 135 23.98 -22.90 -8.92
N ARG A 136 22.80 -23.34 -9.37
CA ARG A 136 21.62 -23.51 -8.50
C ARG A 136 21.37 -22.26 -7.68
N SER A 137 21.40 -21.12 -8.36
CA SER A 137 21.30 -19.83 -7.70
C SER A 137 20.22 -18.98 -8.36
N ILE A 138 19.62 -18.11 -7.57
CA ILE A 138 18.55 -17.22 -7.99
C ILE A 138 18.95 -15.80 -7.63
N ILE A 139 18.57 -14.84 -8.48
CA ILE A 139 18.59 -13.43 -8.12
C ILE A 139 17.18 -12.89 -8.31
N ASN A 140 16.73 -12.07 -7.37
CA ASN A 140 15.37 -11.55 -7.41
C ASN A 140 15.36 -10.10 -6.98
N SER A 141 14.48 -9.31 -7.60
CA SER A 141 14.23 -7.93 -7.21
C SER A 141 12.72 -7.72 -7.02
N CYS A 142 12.10 -8.60 -6.23
CA CYS A 142 10.64 -8.59 -6.12
C CYS A 142 10.11 -7.28 -5.53
N GLY A 143 10.57 -6.92 -4.34
CA GLY A 143 10.16 -5.67 -3.73
C GLY A 143 8.86 -5.76 -2.94
N PHE A 144 8.69 -6.82 -2.16
CA PHE A 144 7.54 -6.97 -1.26
C PHE A 144 6.21 -6.90 -2.01
N ASN A 145 6.12 -7.62 -3.12
CA ASN A 145 4.83 -7.80 -3.79
C ASN A 145 3.92 -8.64 -2.90
N ASN A 146 2.75 -8.09 -2.54
CA ASN A 146 1.85 -8.82 -1.66
C ASN A 146 0.49 -8.13 -1.68
N MET A 147 -0.54 -8.86 -1.25
CA MET A 147 -1.90 -8.32 -1.29
C MET A 147 -2.19 -7.37 -0.14
N GLY A 148 -1.26 -7.22 0.80
CA GLY A 148 -1.46 -6.37 1.95
C GLY A 148 -1.97 -7.15 3.16
N CYS A 149 -1.70 -6.58 4.34
CA CYS A 149 -1.87 -7.30 5.59
C CYS A 149 -3.30 -7.76 5.80
N ASP A 150 -4.28 -6.92 5.45
CA ASP A 150 -5.67 -7.25 5.73
C ASP A 150 -6.15 -8.44 4.90
N LYS A 151 -5.72 -8.52 3.64
CA LYS A 151 -6.13 -9.64 2.80
C LYS A 151 -5.39 -10.91 3.17
N VAL A 152 -4.08 -10.81 3.43
CA VAL A 152 -3.32 -11.97 3.90
C VAL A 152 -3.86 -12.47 5.25
N THR A 153 -4.33 -11.56 6.10
CA THR A 153 -4.91 -11.99 7.37
C THR A 153 -6.13 -12.86 7.13
N GLU A 154 -7.02 -12.41 6.24
CA GLU A 154 -8.17 -13.24 5.86
C GLU A 154 -7.73 -14.61 5.35
N ASN A 155 -6.66 -14.67 4.57
CA ASN A 155 -6.17 -15.95 4.07
C ASN A 155 -5.64 -16.81 5.19
N LEU A 156 -4.90 -16.19 6.14
CA LEU A 156 -4.38 -16.96 7.27
C LEU A 156 -5.51 -17.45 8.15
N ILE A 157 -6.53 -16.60 8.40
CA ILE A 157 -7.67 -17.01 9.21
C ILE A 157 -8.33 -18.24 8.62
N LEU A 158 -8.51 -18.26 7.29
CA LEU A 158 -9.11 -19.42 6.66
C LEU A 158 -8.28 -20.68 6.90
N PHE A 159 -6.96 -20.57 6.82
CA PHE A 159 -6.12 -21.72 7.17
C PHE A 159 -6.35 -22.14 8.62
N ARG A 160 -6.37 -21.17 9.54
CA ARG A 160 -6.51 -21.49 10.95
C ARG A 160 -7.83 -22.20 11.24
N LYS A 161 -8.90 -21.82 10.53
CA LYS A 161 -10.18 -22.50 10.70
C LYS A 161 -10.13 -23.91 10.12
N ARG A 162 -9.48 -24.09 8.98
CA ARG A 162 -9.29 -25.44 8.45
C ARG A 162 -8.43 -26.27 9.40
N GLN A 163 -7.39 -25.67 9.96
CA GLN A 163 -6.52 -26.36 10.88
C GLN A 163 -7.28 -26.87 12.09
N GLU A 164 -8.29 -26.12 12.55
CA GLU A 164 -9.11 -26.57 13.67
C GLU A 164 -9.81 -27.90 13.37
N GLU A 165 -10.31 -28.06 12.14
CA GLU A 165 -11.01 -29.28 11.80
C GLU A 165 -10.07 -30.41 11.40
N ASP A 166 -8.88 -30.07 10.91
CA ASP A 166 -7.94 -31.06 10.38
C ASP A 166 -6.92 -31.40 11.46
N LYS A 167 -7.03 -32.59 12.04
CA LYS A 167 -6.06 -33.05 13.02
C LYS A 167 -4.66 -33.15 12.41
N LEU A 168 -4.57 -33.44 11.11
CA LEU A 168 -3.29 -33.69 10.48
C LEU A 168 -2.46 -32.43 10.28
N LEU A 169 -3.01 -31.25 10.57
CA LEU A 169 -2.24 -30.01 10.56
C LEU A 169 -2.16 -29.37 11.94
N SER A 170 -2.58 -30.11 12.98
CA SER A 170 -2.73 -29.57 14.32
C SER A 170 -1.41 -29.07 14.91
N LYS A 171 -0.28 -29.62 14.51
CA LYS A 171 1.02 -29.25 15.09
C LYS A 171 1.90 -28.48 14.13
N HIS A 172 1.44 -28.24 12.90
CA HIS A 172 2.22 -27.44 11.97
C HIS A 172 2.21 -25.98 12.39
N ILE A 173 3.28 -25.27 12.08
CA ILE A 173 3.53 -23.92 12.58
C ILE A 173 3.49 -22.95 11.41
N VAL A 174 2.96 -21.75 11.65
CA VAL A 174 2.95 -20.70 10.64
C VAL A 174 3.45 -19.41 11.27
N GLY A 175 4.57 -18.88 10.74
CA GLY A 175 5.05 -17.58 11.11
C GLY A 175 4.70 -16.55 10.04
N VAL A 176 4.78 -15.28 10.40
CA VAL A 176 4.45 -14.21 9.46
C VAL A 176 5.62 -13.23 9.45
N SER A 177 6.19 -13.02 8.26
CA SER A 177 7.22 -12.01 8.06
C SER A 177 6.54 -10.68 7.76
N ILE A 178 6.95 -9.62 8.46
CA ILE A 178 6.33 -8.30 8.34
C ILE A 178 7.37 -7.27 7.94
N GLY A 179 6.96 -6.34 7.08
CA GLY A 179 7.84 -5.32 6.55
C GLY A 179 7.11 -4.00 6.40
N LYS A 180 7.62 -3.11 5.55
CA LYS A 180 7.04 -1.79 5.37
C LYS A 180 6.71 -1.57 3.90
N ASN A 181 5.66 -0.81 3.66
CA ASN A 181 5.40 -0.37 2.29
C ASN A 181 6.56 0.49 1.81
N LYS A 182 6.72 0.55 0.49
CA LYS A 182 7.90 1.18 -0.11
C LYS A 182 8.00 2.66 0.25
N ASP A 183 6.87 3.36 0.39
CA ASP A 183 6.91 4.80 0.65
C ASP A 183 6.69 5.15 2.11
N THR A 184 6.61 4.17 3.00
CA THR A 184 6.38 4.47 4.40
C THR A 184 7.59 5.17 5.01
N VAL A 185 7.32 6.22 5.79
CA VAL A 185 8.41 7.01 6.37
C VAL A 185 9.00 6.32 7.60
N ASN A 186 8.16 5.94 8.58
CA ASN A 186 8.61 5.28 9.81
CA ASN A 186 8.62 5.27 9.81
C ASN A 186 8.25 3.79 9.75
N ILE A 187 9.26 2.94 9.57
CA ILE A 187 9.05 1.49 9.49
C ILE A 187 8.20 0.97 10.65
N VAL A 188 8.36 1.56 11.84
CA VAL A 188 7.73 1.04 13.04
C VAL A 188 6.21 1.14 12.95
N ASP A 189 5.70 2.24 12.38
CA ASP A 189 4.25 2.37 12.14
C ASP A 189 3.70 1.18 11.35
N ASP A 190 4.41 0.79 10.29
CA ASP A 190 3.93 -0.32 9.48
C ASP A 190 4.03 -1.66 10.22
N LEU A 191 5.09 -1.85 11.02
CA LEU A 191 5.19 -3.11 11.75
C LEU A 191 4.08 -3.21 12.80
N LYS A 192 3.77 -2.09 13.46
CA LYS A 192 2.72 -2.09 14.47
C LYS A 192 1.37 -2.43 13.85
N TYR A 193 1.09 -1.87 12.68
CA TYR A 193 -0.16 -2.17 11.99
C TYR A 193 -0.30 -3.65 11.74
N CYS A 194 0.78 -4.29 11.25
CA CYS A 194 0.71 -5.73 10.97
C CYS A 194 0.47 -6.53 12.25
N ILE A 195 1.14 -6.16 13.35
CA ILE A 195 0.95 -6.86 14.62
C ILE A 195 -0.51 -6.82 15.04
N ASN A 196 -1.14 -5.65 14.93
CA ASN A 196 -2.48 -5.47 15.48
C ASN A 196 -3.55 -6.17 14.64
N LYS A 197 -3.23 -6.55 13.41
CA LYS A 197 -4.20 -7.23 12.56
C LYS A 197 -3.91 -8.72 12.47
N ILE A 198 -2.68 -9.12 12.16
CA ILE A 198 -2.40 -10.53 11.92
C ILE A 198 -1.72 -11.23 13.10
N GLY A 199 -1.24 -10.48 14.10
CA GLY A 199 -0.43 -11.08 15.16
C GLY A 199 -1.13 -12.19 15.91
N ARG A 200 -2.43 -12.03 16.19
CA ARG A 200 -3.13 -13.04 16.98
C ARG A 200 -3.24 -14.39 16.26
N TYR A 201 -2.94 -14.45 14.97
CA TYR A 201 -3.04 -15.68 14.19
C TYR A 201 -1.69 -16.31 13.88
N ALA A 202 -0.59 -15.71 14.31
CA ALA A 202 0.75 -16.17 13.98
C ALA A 202 1.37 -16.91 15.15
N ASP A 203 2.13 -17.97 14.86
CA ASP A 203 2.91 -18.61 15.90
C ASP A 203 4.19 -17.84 16.19
N TYR A 204 4.69 -17.10 15.20
CA TYR A 204 5.79 -16.20 15.44
C TYR A 204 5.75 -15.10 14.38
N ILE A 205 6.38 -13.98 14.73
CA ILE A 205 6.54 -12.84 13.83
C ILE A 205 8.01 -12.72 13.46
N ALA A 206 8.30 -12.59 12.17
CA ALA A 206 9.64 -12.30 11.68
C ALA A 206 9.69 -10.85 11.22
N ILE A 207 10.54 -10.05 11.87
CA ILE A 207 10.74 -8.66 11.48
C ILE A 207 11.75 -8.65 10.33
N ASN A 208 11.32 -8.16 9.17
CA ASN A 208 12.18 -8.14 7.98
C ASN A 208 12.87 -6.77 7.88
N VAL A 209 14.12 -6.71 8.31
CA VAL A 209 14.95 -5.52 8.15
C VAL A 209 16.09 -5.78 7.16
N SER A 210 15.93 -6.74 6.24
CA SER A 210 17.07 -7.16 5.44
C SER A 210 16.78 -7.41 3.97
N SER A 211 15.54 -7.23 3.51
CA SER A 211 15.28 -7.25 2.08
C SER A 211 16.22 -6.29 1.37
N PRO A 212 16.94 -6.71 0.33
CA PRO A 212 17.74 -5.77 -0.45
C PRO A 212 16.94 -4.94 -1.44
N ASN A 213 15.63 -5.13 -1.53
CA ASN A 213 14.84 -4.61 -2.65
C ASN A 213 13.83 -3.52 -2.27
N THR A 214 13.82 -3.09 -1.01
CA THR A 214 13.11 -1.89 -0.59
C THR A 214 14.17 -0.87 -0.19
N PRO A 215 14.31 0.24 -0.91
CA PRO A 215 15.39 1.18 -0.62
C PRO A 215 15.36 1.62 0.84
N GLY A 216 16.54 1.68 1.45
CA GLY A 216 16.67 2.13 2.81
C GLY A 216 16.27 1.15 3.88
N LEU A 217 15.75 -0.04 3.51
CA LEU A 217 15.29 -0.97 4.52
C LEU A 217 16.44 -1.47 5.40
N ARG A 218 17.57 -1.82 4.77
CA ARG A 218 18.67 -2.44 5.52
C ARG A 218 19.34 -1.48 6.49
N ASP A 219 19.08 -0.18 6.40
CA ASP A 219 19.64 0.76 7.38
C ASP A 219 19.10 0.50 8.78
N ASN A 220 17.92 -0.12 8.86
CA ASN A 220 17.32 -0.45 10.14
C ASN A 220 18.07 -1.55 10.88
N GLN A 221 19.10 -2.15 10.27
CA GLN A 221 19.97 -3.06 11.00
C GLN A 221 21.00 -2.32 11.85
N GLU A 222 21.05 -0.98 11.77
CA GLU A 222 21.84 -0.21 12.71
C GLU A 222 21.33 -0.46 14.13
N ALA A 223 22.27 -0.59 15.07
CA ALA A 223 21.94 -1.09 16.41
C ALA A 223 20.85 -0.26 17.07
N GLY A 224 21.02 1.07 17.12
CA GLY A 224 19.99 1.91 17.72
C GLY A 224 18.63 1.77 17.05
N LYS A 225 18.60 1.85 15.72
CA LYS A 225 17.34 1.68 15.02
C LYS A 225 16.75 0.31 15.27
N LEU A 226 17.57 -0.75 15.15
CA LEU A 226 17.08 -2.10 15.37
C LEU A 226 16.52 -2.30 16.77
N LYS A 227 17.21 -1.76 17.78
CA LYS A 227 16.75 -1.90 19.15
C LYS A 227 15.35 -1.30 19.32
N ASN A 228 15.16 -0.07 18.83
CA ASN A 228 13.84 0.56 18.88
C ASN A 228 12.80 -0.29 18.15
N ILE A 229 13.15 -0.84 16.98
CA ILE A 229 12.21 -1.69 16.25
C ILE A 229 11.82 -2.91 17.06
N ILE A 230 12.79 -3.62 17.63
CA ILE A 230 12.48 -4.82 18.39
C ILE A 230 11.57 -4.48 19.56
N LEU A 231 11.95 -3.48 20.36
CA LEU A 231 11.18 -3.13 21.54
C LEU A 231 9.78 -2.65 21.17
N SER A 232 9.67 -1.87 20.09
CA SER A 232 8.36 -1.43 19.64
C SER A 232 7.49 -2.62 19.26
N VAL A 233 8.06 -3.59 18.53
CA VAL A 233 7.30 -4.76 18.12
C VAL A 233 6.86 -5.57 19.32
N LYS A 234 7.79 -5.83 20.25
CA LYS A 234 7.43 -6.60 21.44
C LYS A 234 6.36 -5.88 22.26
N GLU A 235 6.49 -4.56 22.43
CA GLU A 235 5.49 -3.80 23.19
C GLU A 235 4.11 -3.90 22.55
N GLU A 236 4.03 -3.80 21.22
CA GLU A 236 2.76 -3.91 20.53
C GLU A 236 2.14 -5.29 20.71
N ILE A 237 2.95 -6.35 20.59
CA ILE A 237 2.45 -7.70 20.88
C ILE A 237 1.98 -7.81 22.33
N ASP A 238 2.73 -7.20 23.26
CA ASP A 238 2.32 -7.24 24.66
C ASP A 238 1.01 -6.48 24.87
N ASN A 239 0.88 -5.30 24.24
CA ASN A 239 -0.35 -4.53 24.35
C ASN A 239 -1.53 -5.29 23.75
N LEU A 240 -1.32 -5.95 22.61
CA LEU A 240 -2.35 -6.76 21.99
C LEU A 240 -2.92 -7.77 23.00
N GLU A 241 -2.03 -8.48 23.69
CA GLU A 241 -2.47 -9.43 24.71
C GLU A 241 -3.10 -8.69 25.89
N LYS A 242 -2.36 -7.73 26.47
CA LYS A 242 -2.86 -6.88 27.54
C LYS A 242 -4.30 -6.41 27.31
N ASN A 243 -4.59 -5.96 26.10
CA ASN A 243 -5.87 -5.32 25.80
C ASN A 243 -6.94 -6.29 25.33
N ASN A 244 -6.61 -7.55 25.06
CA ASN A 244 -7.58 -8.43 24.41
C ASN A 244 -7.68 -9.85 24.97
N ILE A 245 -6.84 -10.26 25.92
CA ILE A 245 -6.92 -11.62 26.44
C ILE A 245 -8.21 -11.83 27.25
N MET A 246 -8.86 -10.76 27.67
CA MET A 246 -10.11 -10.87 28.42
C MET A 246 -11.32 -11.10 27.52
N ASN A 247 -11.15 -11.00 26.21
CA ASN A 247 -12.29 -11.12 25.29
C ASN A 247 -12.85 -12.54 25.30
N ASP A 248 -14.14 -12.64 24.95
CA ASP A 248 -14.80 -13.93 24.91
C ASP A 248 -14.10 -14.89 23.97
N GLU A 249 -13.94 -14.50 22.71
CA GLU A 249 -13.18 -15.31 21.76
C GLU A 249 -11.73 -15.40 22.22
N PHE A 250 -11.21 -16.62 22.31
CA PHE A 250 -9.84 -16.83 22.74
C PHE A 250 -8.87 -16.13 21.80
N LEU A 251 -7.91 -15.41 22.39
CA LEU A 251 -7.14 -14.44 21.61
C LEU A 251 -6.24 -15.13 20.59
N TRP A 252 -5.44 -16.11 21.02
CA TRP A 252 -4.42 -16.69 20.15
C TRP A 252 -5.06 -17.78 19.31
N PHE A 253 -5.46 -17.40 18.09
CA PHE A 253 -6.00 -18.35 17.11
C PHE A 253 -4.84 -18.84 16.23
N ASN A 254 -3.96 -19.64 16.85
CA ASN A 254 -2.75 -20.12 16.17
C ASN A 254 -2.47 -21.56 16.63
N THR A 255 -1.29 -22.05 16.30
CA THR A 255 -0.93 -23.42 16.68
C THR A 255 -0.56 -23.51 18.15
N THR A 256 0.25 -22.58 18.62
CA THR A 256 0.79 -22.62 19.97
C THR A 256 -0.24 -22.26 21.04
N LYS A 257 -1.32 -21.55 20.66
CA LYS A 257 -2.29 -21.00 21.61
C LYS A 257 -1.62 -20.04 22.58
N LYS A 258 -0.51 -19.44 22.14
CA LYS A 258 0.26 -18.50 22.92
C LYS A 258 0.61 -17.29 22.06
N LYS A 259 0.96 -16.21 22.74
CA LYS A 259 1.62 -15.02 22.20
C LYS A 259 2.65 -15.39 21.13
N PRO A 260 2.68 -14.70 19.99
CA PRO A 260 3.70 -15.03 18.99
C PRO A 260 5.09 -14.66 19.48
N LEU A 261 6.05 -15.54 19.21
CA LEU A 261 7.45 -15.21 19.40
C LEU A 261 7.88 -14.21 18.33
N VAL A 262 9.05 -13.58 18.55
CA VAL A 262 9.54 -12.54 17.67
C VAL A 262 10.94 -12.90 17.22
N PHE A 263 11.14 -12.97 15.90
CA PHE A 263 12.41 -13.23 15.26
C PHE A 263 12.84 -12.03 14.44
N VAL A 264 14.13 -11.92 14.19
CA VAL A 264 14.65 -10.91 13.27
C VAL A 264 15.41 -11.62 12.15
N LYS A 265 15.14 -11.22 10.90
CA LYS A 265 15.87 -11.73 9.75
C LYS A 265 16.92 -10.72 9.34
N LEU A 266 18.18 -11.14 9.30
CA LEU A 266 19.33 -10.28 9.07
C LEU A 266 19.94 -10.53 7.70
N ALA A 267 20.59 -9.49 7.17
CA ALA A 267 21.27 -9.63 5.89
C ALA A 267 22.69 -10.13 6.10
N PRO A 268 23.21 -10.98 5.20
CA PRO A 268 24.61 -11.41 5.33
C PRO A 268 25.61 -10.30 5.03
N ASP A 269 25.16 -9.20 4.43
CA ASP A 269 26.04 -8.14 3.95
C ASP A 269 26.21 -7.10 5.06
N LEU A 270 27.15 -7.38 5.96
CA LEU A 270 27.39 -6.55 7.14
C LEU A 270 28.86 -6.72 7.54
N ASN A 271 29.46 -5.65 8.07
CA ASN A 271 30.82 -5.82 8.57
C ASN A 271 30.76 -6.44 9.96
N GLN A 272 31.95 -6.79 10.48
CA GLN A 272 32.00 -7.52 11.75
C GLN A 272 31.54 -6.66 12.92
N GLU A 273 31.83 -5.36 12.89
CA GLU A 273 31.39 -4.48 13.98
C GLU A 273 29.86 -4.43 14.06
N GLN A 274 29.20 -4.23 12.91
CA GLN A 274 27.73 -4.23 12.92
C GLN A 274 27.19 -5.52 13.50
N LYS A 275 27.75 -6.66 13.06
CA LYS A 275 27.28 -7.95 13.54
C LYS A 275 27.37 -8.04 15.05
N LYS A 276 28.50 -7.61 15.62
CA LYS A 276 28.66 -7.64 17.07
C LYS A 276 27.71 -6.67 17.75
N GLU A 277 27.57 -5.46 17.21
CA GLU A 277 26.65 -4.48 17.79
C GLU A 277 25.21 -4.97 17.73
N ILE A 278 24.83 -5.61 16.62
CA ILE A 278 23.51 -6.22 16.51
C ILE A 278 23.32 -7.31 17.57
N ALA A 279 24.31 -8.19 17.71
CA ALA A 279 24.23 -9.25 18.71
C ALA A 279 24.01 -8.70 20.11
N ASP A 280 24.74 -7.63 20.47
CA ASP A 280 24.49 -6.97 21.76
C ASP A 280 23.03 -6.55 21.90
N VAL A 281 22.46 -5.99 20.83
CA VAL A 281 21.06 -5.55 20.85
C VAL A 281 20.11 -6.73 20.98
N LEU A 282 20.41 -7.84 20.29
CA LEU A 282 19.55 -9.02 20.37
C LEU A 282 19.54 -9.58 21.79
N LEU A 283 20.70 -9.58 22.46
CA LEU A 283 20.79 -10.03 23.85
C LEU A 283 19.97 -9.13 24.78
N GLU A 284 20.11 -7.80 24.64
CA GLU A 284 19.42 -6.89 25.56
C GLU A 284 17.91 -6.92 25.37
N THR A 285 17.44 -6.92 24.11
CA THR A 285 16.01 -6.88 23.81
C THR A 285 15.33 -8.23 23.96
N ASN A 286 16.08 -9.31 24.15
CA ASN A 286 15.51 -10.64 24.35
C ASN A 286 14.72 -11.12 23.14
N ILE A 287 15.28 -10.94 21.93
CA ILE A 287 14.65 -11.50 20.74
C ILE A 287 14.57 -13.02 20.91
N ASP A 288 13.52 -13.64 20.34
CA ASP A 288 13.32 -15.07 20.51
C ASP A 288 14.10 -15.91 19.51
N GLY A 289 14.66 -15.29 18.48
CA GLY A 289 15.42 -16.04 17.50
C GLY A 289 15.87 -15.11 16.40
N MET A 290 16.84 -15.59 15.64
CA MET A 290 17.35 -14.82 14.51
C MET A 290 17.41 -15.72 13.28
N ILE A 291 16.94 -15.19 12.15
CA ILE A 291 16.93 -15.90 10.88
C ILE A 291 18.16 -15.45 10.10
N ILE A 292 19.05 -16.40 9.83
CA ILE A 292 20.34 -16.11 9.22
C ILE A 292 20.46 -17.04 8.01
N SER A 293 20.34 -16.49 6.81
CA SER A 293 20.25 -15.05 6.56
C SER A 293 19.34 -14.78 5.36
N ASN A 294 19.18 -13.50 5.03
CA ASN A 294 18.50 -13.09 3.80
C ASN A 294 19.46 -13.23 2.62
N THR A 295 19.01 -12.79 1.44
CA THR A 295 19.85 -12.87 0.27
C THR A 295 20.98 -11.85 0.33
N THR A 296 21.99 -12.05 -0.51
CA THR A 296 23.18 -11.21 -0.52
C THR A 296 23.27 -10.40 -1.81
N THR A 297 23.88 -9.20 -1.70
CA THR A 297 24.25 -8.41 -2.85
C THR A 297 25.75 -8.44 -3.11
N GLN A 298 26.46 -9.40 -2.53
CA GLN A 298 27.91 -9.49 -2.63
C GLN A 298 28.41 -10.34 -3.78
N ILE A 299 27.55 -11.15 -4.40
CA ILE A 299 27.98 -12.09 -5.45
C ILE A 299 27.83 -11.43 -6.81
N ASN A 300 28.94 -11.41 -7.57
CA ASN A 300 28.92 -10.90 -8.94
C ASN A 300 29.60 -11.84 -9.92
N ASP A 301 30.10 -12.99 -9.48
CA ASP A 301 30.80 -13.93 -10.35
C ASP A 301 29.83 -14.91 -11.00
N ILE A 302 28.63 -14.44 -11.30
CA ILE A 302 27.63 -15.21 -12.05
C ILE A 302 27.28 -14.36 -13.26
N LYS A 303 27.95 -14.63 -14.39
CA LYS A 303 27.78 -13.77 -15.56
C LYS A 303 26.37 -13.86 -16.14
N SER A 304 25.60 -14.89 -15.80
CA SER A 304 24.19 -14.90 -16.19
C SER A 304 23.37 -13.89 -15.40
N PHE A 305 23.83 -13.49 -14.21
CA PHE A 305 23.23 -12.43 -13.42
C PHE A 305 23.94 -11.09 -13.62
N GLU A 306 24.89 -11.02 -14.56
CA GLU A 306 25.93 -10.00 -14.49
C GLU A 306 25.38 -8.58 -14.52
N ASN A 307 24.26 -8.35 -15.21
CA ASN A 307 23.68 -7.02 -15.18
C ASN A 307 22.24 -7.06 -14.70
N LYS A 308 22.03 -7.66 -13.53
CA LYS A 308 20.73 -7.71 -12.89
C LYS A 308 20.84 -7.15 -11.48
N LYS A 309 19.70 -6.86 -10.89
CA LYS A 309 19.67 -6.28 -9.56
C LYS A 309 18.86 -7.16 -8.61
N GLY A 310 19.11 -6.98 -7.32
CA GLY A 310 18.41 -7.69 -6.28
C GLY A 310 19.34 -8.58 -5.48
N GLY A 311 18.73 -9.47 -4.71
CA GLY A 311 19.47 -10.36 -3.83
C GLY A 311 19.65 -11.73 -4.46
N VAL A 312 20.80 -12.34 -4.20
CA VAL A 312 21.15 -13.66 -4.72
C VAL A 312 20.84 -14.70 -3.66
N SER A 313 20.15 -15.76 -4.06
CA SER A 313 19.86 -16.92 -3.23
C SER A 313 20.56 -18.14 -3.80
N GLY A 314 20.50 -19.23 -3.04
CA GLY A 314 20.85 -20.54 -3.55
C GLY A 314 22.22 -21.00 -3.11
N ALA A 315 22.76 -21.94 -3.90
CA ALA A 315 24.00 -22.62 -3.55
C ALA A 315 25.16 -21.64 -3.35
N LYS A 316 25.18 -20.54 -4.10
CA LYS A 316 26.25 -19.58 -3.95
C LYS A 316 26.11 -18.72 -2.70
N LEU A 317 24.99 -18.83 -1.98
CA LEU A 317 24.81 -18.16 -0.71
C LEU A 317 25.14 -19.05 0.48
N LYS A 318 25.34 -20.36 0.26
CA LYS A 318 25.41 -21.30 1.39
C LYS A 318 26.59 -20.99 2.31
N ASP A 319 27.79 -20.91 1.75
CA ASP A 319 28.97 -20.77 2.60
C ASP A 319 28.96 -19.43 3.35
N ILE A 320 28.51 -18.37 2.68
CA ILE A 320 28.45 -17.05 3.32
C ILE A 320 27.54 -17.09 4.54
N SER A 321 26.36 -17.69 4.40
CA SER A 321 25.41 -17.66 5.50
C SER A 321 25.75 -18.65 6.61
N THR A 322 26.40 -19.77 6.27
CA THR A 322 26.86 -20.69 7.31
C THR A 322 27.90 -20.01 8.19
N LYS A 323 28.86 -19.32 7.59
CA LYS A 323 29.84 -18.57 8.37
C LYS A 323 29.15 -17.52 9.23
N PHE A 324 28.11 -16.88 8.68
CA PHE A 324 27.32 -15.89 9.41
C PHE A 324 26.63 -16.53 10.62
N ILE A 325 26.09 -17.74 10.46
CA ILE A 325 25.52 -18.44 11.59
C ILE A 325 26.56 -18.65 12.68
N CYS A 326 27.76 -19.09 12.30
CA CYS A 326 28.82 -19.31 13.27
C CYS A 326 29.16 -18.03 14.02
N GLU A 327 29.23 -16.90 13.30
CA GLU A 327 29.59 -15.64 13.93
C GLU A 327 28.51 -15.17 14.91
N MET A 328 27.24 -15.20 14.50
CA MET A 328 26.19 -14.73 15.41
C MET A 328 25.94 -15.70 16.56
N TYR A 329 26.14 -17.00 16.33
CA TYR A 329 26.10 -17.95 17.44
C TYR A 329 27.11 -17.56 18.52
N ASN A 330 28.33 -17.24 18.10
CA ASN A 330 29.37 -16.86 19.06
C ASN A 330 29.16 -15.46 19.61
N TYR A 331 28.75 -14.52 18.75
CA TYR A 331 28.57 -13.14 19.20
C TYR A 331 27.44 -13.02 20.21
N THR A 332 26.43 -13.88 20.11
CA THR A 332 25.35 -13.88 21.10
C THR A 332 25.56 -14.90 22.20
N ASN A 333 26.75 -15.50 22.28
CA ASN A 333 27.11 -16.45 23.35
C ASN A 333 26.10 -17.59 23.44
N LYS A 334 25.59 -18.03 22.27
CA LYS A 334 24.72 -19.18 22.15
C LYS A 334 23.37 -18.99 22.85
N GLN A 335 22.98 -17.75 23.14
CA GLN A 335 21.76 -17.47 23.88
C GLN A 335 20.55 -17.19 23.00
N ILE A 336 20.73 -17.03 21.68
CA ILE A 336 19.66 -16.71 20.75
C ILE A 336 19.47 -17.83 19.72
N PRO A 337 18.36 -18.58 19.76
CA PRO A 337 18.16 -19.64 18.76
C PRO A 337 18.20 -19.08 17.35
N ILE A 338 18.60 -19.94 16.40
CA ILE A 338 18.91 -19.50 15.04
C ILE A 338 18.08 -20.32 14.07
N ILE A 339 17.43 -19.63 13.14
CA ILE A 339 16.75 -20.22 12.00
C ILE A 339 17.68 -20.08 10.80
N ALA A 340 18.10 -21.21 10.22
CA ALA A 340 19.02 -21.16 9.09
C ALA A 340 18.27 -20.96 7.78
N SER A 341 18.82 -20.08 6.93
CA SER A 341 18.31 -19.88 5.57
C SER A 341 19.50 -19.54 4.69
N GLY A 342 19.60 -20.21 3.55
CA GLY A 342 20.69 -19.93 2.63
C GLY A 342 21.34 -21.16 2.05
N GLY A 343 20.97 -21.50 0.81
CA GLY A 343 21.65 -22.56 0.08
C GLY A 343 21.55 -23.94 0.66
N ILE A 344 20.42 -24.28 1.29
CA ILE A 344 20.23 -25.61 1.87
C ILE A 344 19.52 -26.47 0.83
N PHE A 345 20.22 -27.47 0.30
CA PHE A 345 19.66 -28.41 -0.66
C PHE A 345 19.70 -29.84 -0.17
N SER A 346 20.75 -30.22 0.56
CA SER A 346 21.02 -31.61 0.89
C SER A 346 21.02 -31.81 2.39
N GLY A 347 20.96 -33.07 2.81
CA GLY A 347 21.13 -33.40 4.22
C GLY A 347 22.46 -32.91 4.77
N LEU A 348 23.53 -33.00 3.96
CA LEU A 348 24.82 -32.46 4.37
C LEU A 348 24.73 -30.96 4.62
N ASP A 349 24.00 -30.23 3.76
CA ASP A 349 23.82 -28.80 3.95
C ASP A 349 23.07 -28.51 5.23
N ALA A 350 22.01 -29.27 5.51
CA ALA A 350 21.22 -29.03 6.72
C ALA A 350 22.05 -29.26 7.98
N LEU A 351 22.86 -30.33 7.98
CA LEU A 351 23.67 -30.64 9.15
C LEU A 351 24.78 -29.62 9.36
N GLU A 352 25.34 -29.09 8.27
CA GLU A 352 26.29 -27.99 8.39
C GLU A 352 25.66 -26.79 9.10
N LYS A 353 24.44 -26.41 8.70
CA LYS A 353 23.77 -25.28 9.36
C LYS A 353 23.54 -25.59 10.84
N ILE A 354 23.03 -26.79 11.14
CA ILE A 354 22.70 -27.14 12.52
C ILE A 354 23.96 -27.18 13.37
N GLU A 355 24.99 -27.89 12.91
CA GLU A 355 26.24 -27.94 13.67
C GLU A 355 26.85 -26.55 13.81
N ALA A 356 26.57 -25.66 12.85
CA ALA A 356 27.00 -24.27 12.97
C ALA A 356 26.27 -23.53 14.07
N GLY A 357 25.09 -24.00 14.46
CA GLY A 357 24.37 -23.32 15.54
C GLY A 357 22.88 -23.15 15.34
N ALA A 358 22.36 -23.61 14.19
CA ALA A 358 20.95 -23.45 13.85
C ALA A 358 20.12 -24.55 14.50
N SER A 359 18.90 -24.19 14.91
CA SER A 359 17.95 -25.15 15.44
C SER A 359 16.93 -25.63 14.42
N VAL A 360 16.71 -24.85 13.34
CA VAL A 360 15.81 -25.23 12.25
C VAL A 360 16.36 -24.65 10.95
N CYS A 361 15.86 -25.19 9.83
CA CYS A 361 16.33 -24.82 8.51
C CYS A 361 15.14 -24.37 7.69
N GLN A 362 15.35 -23.38 6.81
CA GLN A 362 14.34 -22.88 5.88
C GLN A 362 14.80 -23.09 4.45
N LEU A 363 13.89 -23.54 3.59
CA LEU A 363 14.20 -23.76 2.19
C LEU A 363 13.43 -22.78 1.30
N TYR A 364 14.10 -22.28 0.28
CA TYR A 364 13.44 -21.65 -0.85
C TYR A 364 14.04 -22.21 -2.13
N SER A 365 15.32 -21.93 -2.38
CA SER A 365 15.95 -22.34 -3.63
C SER A 365 15.85 -23.85 -3.87
N CYS A 366 15.84 -24.66 -2.79
CA CYS A 366 15.71 -26.10 -2.97
C CYS A 366 14.40 -26.45 -3.66
N LEU A 367 13.32 -25.72 -3.35
CA LEU A 367 12.04 -25.98 -4.00
C LEU A 367 12.08 -25.62 -5.47
N VAL A 368 12.84 -24.58 -5.82
CA VAL A 368 12.91 -24.15 -7.21
C VAL A 368 13.62 -25.19 -8.06
N PHE A 369 14.72 -25.75 -7.56
CA PHE A 369 15.56 -26.63 -8.36
C PHE A 369 15.30 -28.12 -8.12
N ASN A 370 14.75 -28.48 -6.96
CA ASN A 370 14.46 -29.89 -6.66
C ASN A 370 12.98 -30.22 -6.66
N GLY A 371 12.10 -29.23 -6.58
CA GLY A 371 10.70 -29.48 -6.85
C GLY A 371 9.96 -30.11 -5.68
N MET A 372 8.93 -30.89 -6.01
CA MET A 372 8.00 -31.43 -5.02
C MET A 372 8.72 -32.30 -3.99
N LYS A 373 9.74 -33.02 -4.41
CA LYS A 373 10.44 -33.99 -3.57
C LYS A 373 11.37 -33.33 -2.49
N SER A 374 11.35 -32.01 -2.34
CA SER A 374 12.38 -31.32 -1.56
C SER A 374 12.35 -31.76 -0.10
N ALA A 375 11.17 -31.73 0.53
CA ALA A 375 11.08 -32.02 1.95
C ALA A 375 11.31 -33.51 2.23
N VAL A 376 10.64 -34.39 1.47
CA VAL A 376 10.77 -35.81 1.75
C VAL A 376 12.22 -36.26 1.59
N GLN A 377 12.91 -35.78 0.56
CA GLN A 377 14.27 -36.23 0.35
C GLN A 377 15.24 -35.62 1.35
N ILE A 378 15.09 -34.34 1.69
CA ILE A 378 16.04 -33.76 2.63
C ILE A 378 15.84 -34.35 4.03
N LYS A 379 14.60 -34.69 4.39
CA LYS A 379 14.37 -35.34 5.68
C LYS A 379 15.01 -36.72 5.72
N ARG A 380 14.92 -37.47 4.62
CA ARG A 380 15.56 -38.79 4.57
C ARG A 380 17.07 -38.66 4.67
N GLU A 381 17.65 -37.73 3.91
CA GLU A 381 19.10 -37.57 3.92
C GLU A 381 19.60 -37.16 5.30
N LEU A 382 18.85 -36.30 6.02
CA LEU A 382 19.30 -35.88 7.35
C LEU A 382 19.31 -37.05 8.33
N ASN A 383 18.21 -37.82 8.37
CA ASN A 383 18.15 -38.99 9.25
C ASN A 383 19.30 -39.94 8.99
N HIS A 384 19.62 -40.20 7.73
CA HIS A 384 20.77 -41.06 7.42
C HIS A 384 22.04 -40.44 7.99
N LEU A 385 22.15 -39.12 7.90
CA LEU A 385 23.34 -38.44 8.40
C LEU A 385 23.46 -38.53 9.91
N LEU A 386 22.35 -38.32 10.63
CA LEU A 386 22.38 -38.42 12.08
C LEU A 386 22.80 -39.83 12.52
N TYR A 387 22.44 -40.84 11.74
CA TYR A 387 22.92 -42.20 12.00
C TYR A 387 24.42 -42.30 11.77
N GLN A 388 24.87 -41.94 10.56
CA GLN A 388 26.26 -42.14 10.18
C GLN A 388 27.21 -41.35 11.07
N ARG A 389 26.76 -40.22 11.59
CA ARG A 389 27.63 -39.35 12.39
C ARG A 389 27.56 -39.65 13.89
N GLY A 390 26.69 -40.55 14.33
CA GLY A 390 26.67 -40.99 15.72
C GLY A 390 25.83 -40.17 16.66
N TYR A 391 24.90 -39.36 16.14
CA TYR A 391 24.05 -38.53 16.99
C TYR A 391 22.87 -39.33 17.51
N TYR A 392 22.48 -39.04 18.76
CA TYR A 392 21.26 -39.64 19.29
C TYR A 392 20.01 -38.94 18.75
N ASN A 393 20.02 -37.61 18.72
CA ASN A 393 18.95 -36.88 18.06
C ASN A 393 19.51 -35.60 17.47
N LEU A 394 18.66 -34.88 16.72
CA LEU A 394 19.11 -33.65 16.08
C LEU A 394 19.53 -32.60 17.11
N LYS A 395 18.79 -32.50 18.22
CA LYS A 395 19.11 -31.50 19.23
C LYS A 395 20.57 -31.61 19.68
N GLU A 396 21.08 -32.83 19.77
CA GLU A 396 22.47 -33.05 20.17
C GLU A 396 23.47 -32.38 19.22
N ALA A 397 23.10 -32.23 17.94
CA ALA A 397 23.99 -31.64 16.93
C ALA A 397 24.02 -30.12 16.95
N ILE A 398 23.09 -29.46 17.63
CA ILE A 398 22.98 -27.99 17.52
C ILE A 398 24.24 -27.34 18.09
N GLY A 399 24.94 -26.58 17.26
CA GLY A 399 26.14 -25.88 17.68
C GLY A 399 27.36 -26.74 17.90
N ARG A 400 27.32 -28.01 17.52
CA ARG A 400 28.42 -28.93 17.83
C ARG A 400 29.73 -28.53 17.15
N LYS A 401 29.68 -27.71 16.10
CA LYS A 401 30.93 -27.23 15.51
C LYS A 401 31.78 -26.47 16.52
N HIS A 402 31.15 -25.82 17.49
CA HIS A 402 31.84 -24.95 18.45
C HIS A 402 32.16 -25.74 19.72
N SER A 403 33.42 -26.10 19.90
CA SER A 403 33.84 -26.80 21.11
C SER A 403 35.34 -26.64 21.33
N MET B 23 -9.04 52.15 -1.27
CA MET B 23 -10.18 51.51 -1.92
C MET B 23 -10.08 51.58 -3.46
N PHE B 24 -8.84 51.74 -3.95
CA PHE B 24 -8.50 51.44 -5.33
C PHE B 24 -7.70 50.16 -5.45
N GLU B 25 -7.58 49.39 -4.34
CA GLU B 25 -6.78 48.18 -4.27
C GLU B 25 -7.61 46.98 -4.75
N SER B 26 -7.95 47.00 -6.04
CA SER B 26 -8.80 45.96 -6.60
C SER B 26 -8.10 44.61 -6.68
N TYR B 27 -6.76 44.58 -6.56
CA TYR B 27 -6.03 43.32 -6.56
C TYR B 27 -6.27 42.49 -5.31
N ASN B 28 -6.92 43.05 -4.28
CA ASN B 28 -7.13 42.36 -3.01
C ASN B 28 -8.40 41.52 -3.09
N PRO B 29 -8.34 40.20 -2.86
CA PRO B 29 -9.53 39.36 -2.98
C PRO B 29 -10.69 39.75 -2.07
N GLU B 30 -10.46 40.52 -1.02
CA GLU B 30 -11.52 40.95 -0.12
C GLU B 30 -12.06 42.34 -0.44
N PHE B 31 -11.59 42.93 -1.55
CA PHE B 31 -12.10 44.21 -2.02
C PHE B 31 -13.62 44.20 -2.06
N PHE B 32 -14.23 45.24 -1.47
CA PHE B 32 -15.66 45.24 -1.21
C PHE B 32 -16.50 45.06 -2.46
N LEU B 33 -16.02 45.54 -3.62
CA LEU B 33 -16.85 45.50 -4.82
C LEU B 33 -17.08 44.08 -5.33
N TYR B 34 -16.25 43.12 -4.92
CA TYR B 34 -16.42 41.76 -5.44
C TYR B 34 -17.66 41.10 -4.85
N ASP B 35 -17.92 41.31 -3.55
CA ASP B 35 -19.14 40.82 -2.95
C ASP B 35 -20.37 41.49 -3.57
N ILE B 36 -20.27 42.78 -3.89
CA ILE B 36 -21.42 43.48 -4.46
C ILE B 36 -21.82 42.83 -5.78
N PHE B 37 -20.87 42.69 -6.69
CA PHE B 37 -21.18 42.07 -7.97
C PHE B 37 -21.57 40.60 -7.80
N LEU B 38 -21.07 39.94 -6.75
CA LEU B 38 -21.39 38.52 -6.57
C LEU B 38 -22.83 38.32 -6.09
N LYS B 39 -23.30 39.18 -5.18
CA LYS B 39 -24.70 39.11 -4.78
C LYS B 39 -25.62 39.43 -5.94
N PHE B 40 -25.20 40.37 -6.80
CA PHE B 40 -25.94 40.68 -8.01
C PHE B 40 -26.01 39.47 -8.94
N CYS B 41 -24.88 38.80 -9.15
CA CYS B 41 -24.85 37.62 -10.03
C CYS B 41 -25.73 36.50 -9.50
N LEU B 42 -25.66 36.24 -8.19
CA LEU B 42 -26.39 35.11 -7.61
C LEU B 42 -27.91 35.28 -7.74
N LYS B 43 -28.39 36.51 -7.75
CA LYS B 43 -29.82 36.75 -7.78
C LYS B 43 -30.40 36.76 -9.19
N TYR B 44 -29.62 37.20 -10.19
CA TYR B 44 -30.16 37.52 -11.49
C TYR B 44 -29.62 36.68 -12.64
N ILE B 45 -28.43 36.08 -12.51
CA ILE B 45 -27.69 35.57 -13.65
C ILE B 45 -27.59 34.05 -13.59
N ASP B 46 -27.72 33.42 -14.75
CA ASP B 46 -27.58 31.98 -14.88
C ASP B 46 -26.25 31.49 -14.30
N GLY B 47 -26.31 30.36 -13.60
CA GLY B 47 -25.13 29.87 -12.89
C GLY B 47 -23.94 29.62 -13.79
N GLU B 48 -24.15 28.92 -14.92
CA GLU B 48 -23.02 28.63 -15.79
C GLU B 48 -22.49 29.88 -16.49
N ILE B 49 -23.36 30.84 -16.79
CA ILE B 49 -22.89 32.11 -17.35
C ILE B 49 -21.93 32.79 -16.38
N CYS B 50 -22.31 32.84 -15.09
CA CYS B 50 -21.41 33.36 -14.06
C CYS B 50 -20.07 32.64 -14.09
N HIS B 51 -20.11 31.31 -14.17
CA HIS B 51 -18.89 30.52 -14.15
C HIS B 51 -17.99 30.90 -15.33
N ASP B 52 -18.58 31.00 -16.53
CA ASP B 52 -17.81 31.34 -17.71
C ASP B 52 -17.24 32.77 -17.65
N LEU B 53 -17.96 33.69 -17.01
CA LEU B 53 -17.38 35.02 -16.77
C LEU B 53 -16.17 34.91 -15.84
N PHE B 54 -16.30 34.15 -14.76
CA PHE B 54 -15.17 33.91 -13.86
C PHE B 54 -13.95 33.40 -14.63
N LEU B 55 -14.15 32.43 -15.51
CA LEU B 55 -13.03 31.87 -16.27
C LEU B 55 -12.44 32.89 -17.22
N LEU B 56 -13.28 33.75 -17.79
CA LEU B 56 -12.80 34.78 -18.70
C LEU B 56 -11.90 35.77 -17.95
N LEU B 57 -12.35 36.24 -16.79
CA LEU B 57 -11.51 37.12 -15.98
C LEU B 57 -10.19 36.44 -15.64
N GLY B 58 -10.22 35.15 -15.34
CA GLY B 58 -8.98 34.43 -15.09
C GLY B 58 -8.10 34.33 -16.32
N LYS B 59 -8.72 34.01 -17.48
CA LYS B 59 -7.97 33.84 -18.72
C LYS B 59 -7.13 35.08 -19.04
N TYR B 60 -7.71 36.27 -18.86
CA TYR B 60 -6.98 37.51 -19.12
C TYR B 60 -6.29 38.06 -17.87
N ASN B 61 -6.11 37.23 -16.84
CA ASN B 61 -5.25 37.55 -15.70
C ASN B 61 -5.68 38.83 -14.98
N ILE B 62 -6.98 39.00 -14.79
CA ILE B 62 -7.50 40.18 -14.11
C ILE B 62 -8.22 39.83 -12.82
N LEU B 63 -8.12 38.59 -12.37
CA LEU B 63 -8.58 38.24 -11.04
C LEU B 63 -7.68 38.89 -9.99
N PRO B 64 -8.20 39.14 -8.80
CA PRO B 64 -7.34 39.56 -7.69
C PRO B 64 -6.53 38.37 -7.18
N TYR B 65 -5.57 38.66 -6.31
CA TYR B 65 -4.64 37.63 -5.89
C TYR B 65 -4.21 37.85 -4.44
N ASP B 66 -3.98 36.74 -3.75
CA ASP B 66 -3.59 36.76 -2.35
C ASP B 66 -2.07 36.89 -2.23
N THR B 67 -1.60 37.95 -1.56
CA THR B 67 -0.18 38.20 -1.38
C THR B 67 0.29 37.81 0.02
N SER B 68 -0.35 36.82 0.63
CA SER B 68 -0.04 36.41 2.00
C SER B 68 0.90 35.21 2.00
N ASN B 69 1.88 35.24 2.90
CA ASN B 69 2.54 34.02 3.30
C ASN B 69 1.57 33.18 4.11
N ASP B 70 1.39 31.92 3.71
CA ASP B 70 0.55 31.04 4.49
C ASP B 70 1.29 30.56 5.74
N SER B 71 0.53 30.26 6.79
CA SER B 71 1.10 29.74 8.03
C SER B 71 1.71 28.36 7.80
N ILE B 72 3.01 28.22 8.09
CA ILE B 72 3.64 26.91 7.98
C ILE B 72 3.01 25.91 8.94
N TYR B 73 2.28 26.38 9.95
CA TYR B 73 1.60 25.49 10.88
C TYR B 73 0.26 24.99 10.35
N ALA B 74 -0.15 25.39 9.15
CA ALA B 74 -1.36 24.88 8.52
C ALA B 74 -1.05 24.08 7.27
N CYS B 75 0.21 23.88 6.96
CA CYS B 75 0.58 23.07 5.82
C CYS B 75 0.18 21.61 6.08
N THR B 76 0.13 20.82 5.00
CA THR B 76 -0.30 19.45 5.11
C THR B 76 0.33 18.67 3.97
N ASN B 77 0.23 17.35 4.04
CA ASN B 77 0.87 16.54 3.00
C ASN B 77 0.11 15.24 2.79
N ILE B 78 0.23 14.72 1.57
CA ILE B 78 -0.24 13.39 1.20
C ILE B 78 0.94 12.73 0.50
N LYS B 79 1.59 11.80 1.19
CA LYS B 79 2.88 11.23 0.79
C LYS B 79 3.83 12.38 0.46
N HIS B 80 4.46 12.40 -0.71
CA HIS B 80 5.40 13.46 -1.05
C HIS B 80 4.72 14.73 -1.56
N LEU B 81 3.40 14.78 -1.64
CA LEU B 81 2.70 16.00 -2.03
C LEU B 81 2.69 16.97 -0.85
N ASP B 82 3.45 18.06 -0.96
CA ASP B 82 3.54 19.06 0.11
C ASP B 82 2.66 20.25 -0.25
N PHE B 83 1.50 20.36 0.41
CA PHE B 83 0.56 21.46 0.19
C PHE B 83 0.93 22.63 1.08
N ILE B 84 1.09 23.81 0.49
CA ILE B 84 1.47 24.97 1.30
C ILE B 84 0.34 25.44 2.21
N ASN B 85 -0.90 25.09 1.90
CA ASN B 85 -2.02 25.27 2.81
C ASN B 85 -3.02 24.17 2.49
N PRO B 86 -4.06 23.98 3.33
CA PRO B 86 -4.92 22.80 3.13
C PRO B 86 -6.12 22.98 2.21
N PHE B 87 -6.18 24.04 1.41
CA PHE B 87 -7.38 24.34 0.63
C PHE B 87 -7.06 24.34 -0.86
N GLY B 88 -7.78 23.50 -1.60
CA GLY B 88 -7.68 23.46 -3.04
C GLY B 88 -9.04 23.67 -3.69
N VAL B 89 -9.01 23.79 -5.00
CA VAL B 89 -10.19 23.89 -5.83
C VAL B 89 -10.52 22.51 -6.39
N ALA B 90 -11.74 22.05 -6.11
CA ALA B 90 -12.20 20.73 -6.52
C ALA B 90 -12.36 20.63 -8.05
N ALA B 91 -12.48 19.40 -8.54
CA ALA B 91 -12.61 19.20 -9.98
C ALA B 91 -13.92 19.77 -10.49
N GLY B 92 -13.95 20.08 -11.78
CA GLY B 92 -15.12 20.66 -12.39
C GLY B 92 -15.17 22.17 -12.38
N PHE B 93 -14.35 22.83 -11.57
CA PHE B 93 -14.32 24.29 -11.56
C PHE B 93 -13.54 24.82 -12.74
N ASP B 94 -12.35 24.27 -12.99
CA ASP B 94 -11.60 24.54 -14.21
C ASP B 94 -11.50 23.22 -14.98
N LYS B 95 -12.59 22.86 -15.66
CA LYS B 95 -12.66 21.57 -16.35
C LYS B 95 -11.59 21.45 -17.44
N ASN B 96 -11.20 22.58 -18.04
CA ASN B 96 -10.32 22.58 -19.21
C ASN B 96 -8.93 23.11 -18.90
N GLY B 97 -8.64 23.41 -17.64
CA GLY B 97 -7.31 23.92 -17.29
C GLY B 97 -6.91 25.19 -18.02
N VAL B 98 -7.86 26.09 -18.27
CA VAL B 98 -7.57 27.35 -18.96
C VAL B 98 -7.28 28.47 -17.99
N CYS B 99 -7.26 28.18 -16.70
CA CYS B 99 -7.39 29.21 -15.67
C CYS B 99 -6.53 28.92 -14.45
N ILE B 100 -5.49 28.11 -14.60
CA ILE B 100 -4.84 27.49 -13.45
C ILE B 100 -4.10 28.53 -12.61
N ASP B 101 -3.25 29.34 -13.25
CA ASP B 101 -2.48 30.35 -12.51
C ASP B 101 -3.39 31.26 -11.70
N SER B 102 -4.42 31.81 -12.37
CA SER B 102 -5.24 32.85 -11.75
C SER B 102 -6.03 32.29 -10.57
N ILE B 103 -6.52 31.06 -10.69
CA ILE B 103 -7.28 30.47 -9.59
C ILE B 103 -6.38 30.18 -8.41
N LEU B 104 -5.23 29.55 -8.66
CA LEU B 104 -4.28 29.28 -7.58
C LEU B 104 -3.91 30.57 -6.84
N LYS B 105 -3.69 31.66 -7.58
CA LYS B 105 -3.23 32.90 -6.98
C LYS B 105 -4.29 33.56 -6.11
N LEU B 106 -5.54 33.07 -6.14
CA LEU B 106 -6.51 33.51 -5.16
C LEU B 106 -6.15 33.08 -3.74
N GLY B 107 -5.26 32.09 -3.59
CA GLY B 107 -4.83 31.67 -2.26
C GLY B 107 -4.85 30.17 -2.06
N PHE B 108 -5.30 29.42 -3.06
CA PHE B 108 -5.39 27.97 -2.98
C PHE B 108 -4.02 27.33 -3.18
N SER B 109 -3.79 26.23 -2.47
CA SER B 109 -2.55 25.50 -2.61
C SER B 109 -2.55 24.54 -3.79
N PHE B 110 -3.72 24.15 -4.30
CA PHE B 110 -3.76 23.25 -5.45
C PHE B 110 -5.10 23.37 -6.17
N ILE B 111 -5.17 22.72 -7.33
CA ILE B 111 -6.40 22.65 -8.09
C ILE B 111 -6.42 21.30 -8.80
N GLU B 112 -7.61 20.72 -8.89
CA GLU B 112 -7.87 19.50 -9.64
C GLU B 112 -8.63 19.90 -10.92
N ILE B 113 -7.94 19.92 -12.06
CA ILE B 113 -8.60 20.24 -13.33
C ILE B 113 -9.34 19.01 -13.85
N GLY B 114 -10.21 19.21 -14.84
CA GLY B 114 -11.09 18.13 -15.26
C GLY B 114 -12.44 18.23 -14.58
N THR B 115 -13.23 17.17 -14.66
CA THR B 115 -12.87 15.88 -15.25
C THR B 115 -12.73 15.95 -16.76
N ILE B 116 -11.67 15.34 -17.29
CA ILE B 116 -11.45 15.31 -18.72
C ILE B 116 -11.80 13.93 -19.26
N THR B 117 -12.15 13.90 -20.55
CA THR B 117 -12.38 12.68 -21.30
C THR B 117 -11.46 12.63 -22.52
N PRO B 118 -11.21 11.44 -23.09
CA PRO B 118 -10.33 11.38 -24.27
C PRO B 118 -10.76 12.29 -25.42
N ARG B 119 -12.01 12.19 -25.85
CA ARG B 119 -12.56 13.14 -26.82
C ARG B 119 -13.34 14.23 -26.09
N GLY B 120 -13.37 15.42 -26.70
CA GLY B 120 -14.21 16.49 -26.17
C GLY B 120 -15.68 16.10 -26.11
N GLN B 121 -16.43 16.83 -25.28
CA GLN B 121 -17.85 16.60 -25.05
C GLN B 121 -18.48 17.95 -24.76
N THR B 122 -19.67 18.20 -25.32
CA THR B 122 -20.39 19.39 -24.90
C THR B 122 -21.16 19.19 -23.62
N GLY B 123 -21.53 17.96 -23.28
CA GLY B 123 -22.24 17.71 -22.05
C GLY B 123 -23.73 17.56 -22.26
N ASN B 124 -24.47 17.57 -21.16
CA ASN B 124 -25.91 17.45 -21.22
C ASN B 124 -26.52 18.81 -21.57
N ALA B 125 -27.83 18.80 -21.79
CA ALA B 125 -28.51 20.00 -22.25
C ALA B 125 -28.49 21.10 -21.19
N LYS B 126 -28.33 22.35 -21.65
CA LYS B 126 -28.43 23.52 -20.80
C LYS B 126 -29.90 23.97 -20.68
N PRO B 127 -30.25 24.72 -19.61
CA PRO B 127 -29.39 25.04 -18.46
C PRO B 127 -29.16 23.82 -17.57
N ARG B 128 -27.97 23.71 -16.97
CA ARG B 128 -27.62 22.49 -16.26
C ARG B 128 -26.91 22.76 -14.93
N ILE B 129 -26.92 24.00 -14.44
CA ILE B 129 -26.36 24.35 -13.13
C ILE B 129 -27.32 25.32 -12.46
N PHE B 130 -27.82 24.96 -11.27
CA PHE B 130 -28.80 25.77 -10.55
C PHE B 130 -28.37 25.95 -9.11
N ARG B 131 -28.53 27.16 -8.60
CA ARG B 131 -28.12 27.52 -7.24
C ARG B 131 -29.33 27.74 -6.36
N ASP B 132 -29.17 27.43 -5.07
CA ASP B 132 -30.13 27.76 -4.03
C ASP B 132 -29.37 28.55 -2.97
N VAL B 133 -29.50 29.88 -3.00
CA VAL B 133 -28.68 30.73 -2.16
C VAL B 133 -29.01 30.55 -0.68
N GLU B 134 -30.28 30.28 -0.37
CA GLU B 134 -30.70 30.16 1.03
C GLU B 134 -30.04 28.96 1.70
N SER B 135 -30.08 27.80 1.06
CA SER B 135 -29.43 26.61 1.57
C SER B 135 -27.99 26.48 1.12
N ARG B 136 -27.46 27.48 0.41
CA ARG B 136 -26.10 27.46 -0.12
C ARG B 136 -25.80 26.13 -0.81
N SER B 137 -26.71 25.74 -1.71
CA SER B 137 -26.60 24.45 -2.40
C SER B 137 -26.71 24.65 -3.90
N ILE B 138 -26.08 23.72 -4.63
CA ILE B 138 -26.09 23.68 -6.08
C ILE B 138 -26.51 22.30 -6.51
N ILE B 139 -27.22 22.22 -7.64
CA ILE B 139 -27.43 20.96 -8.33
C ILE B 139 -26.96 21.16 -9.76
N ASN B 140 -26.39 20.11 -10.34
CA ASN B 140 -25.81 20.23 -11.67
C ASN B 140 -25.97 18.90 -12.40
N SER B 141 -26.19 18.99 -13.71
CA SER B 141 -26.22 17.85 -14.62
C SER B 141 -25.30 18.09 -15.79
N CYS B 142 -24.06 18.52 -15.49
CA CYS B 142 -23.16 18.95 -16.56
C CYS B 142 -22.91 17.84 -17.58
N GLY B 143 -22.38 16.70 -17.12
CA GLY B 143 -22.10 15.60 -18.02
C GLY B 143 -20.71 15.57 -18.63
N PHE B 144 -19.69 15.99 -17.89
CA PHE B 144 -18.31 15.91 -18.37
C PHE B 144 -18.09 16.77 -19.61
N ASN B 145 -18.68 17.97 -19.62
CA ASN B 145 -18.37 18.93 -20.68
C ASN B 145 -16.91 19.32 -20.57
N ASN B 146 -16.13 19.05 -21.61
CA ASN B 146 -14.71 19.39 -21.59
C ASN B 146 -14.21 19.41 -23.02
N MET B 147 -13.02 20.00 -23.22
CA MET B 147 -12.47 20.11 -24.56
C MET B 147 -11.75 18.85 -25.01
N GLY B 148 -11.65 17.85 -24.16
CA GLY B 148 -10.94 16.66 -24.57
C GLY B 148 -9.52 16.64 -24.05
N CYS B 149 -9.04 15.43 -23.75
CA CYS B 149 -7.74 15.26 -23.10
C CYS B 149 -6.62 15.94 -23.88
N ASP B 150 -6.67 15.90 -25.21
CA ASP B 150 -5.55 16.43 -25.98
C ASP B 150 -5.43 17.94 -25.83
N LYS B 151 -6.56 18.65 -25.89
CA LYS B 151 -6.52 20.10 -25.76
C LYS B 151 -6.15 20.51 -24.34
N VAL B 152 -6.74 19.84 -23.35
CA VAL B 152 -6.48 20.18 -21.96
C VAL B 152 -5.02 19.91 -21.59
N THR B 153 -4.40 18.89 -22.21
CA THR B 153 -2.98 18.67 -22.02
C THR B 153 -2.15 19.87 -22.48
N GLU B 154 -2.49 20.41 -23.65
CA GLU B 154 -1.81 21.62 -24.13
C GLU B 154 -1.96 22.77 -23.15
N ASN B 155 -3.15 22.91 -22.56
CA ASN B 155 -3.35 23.98 -21.58
C ASN B 155 -2.49 23.76 -20.35
N LEU B 156 -2.40 22.50 -19.91
CA LEU B 156 -1.60 22.19 -18.73
C LEU B 156 -0.11 22.36 -19.01
N ILE B 157 0.34 21.95 -20.20
CA ILE B 157 1.72 22.16 -20.59
C ILE B 157 2.08 23.64 -20.55
N LEU B 158 1.18 24.49 -21.07
CA LEU B 158 1.43 25.93 -21.00
C LEU B 158 1.59 26.39 -19.56
N PHE B 159 0.71 25.94 -18.67
CA PHE B 159 0.86 26.29 -17.27
C PHE B 159 2.20 25.81 -16.73
N ARG B 160 2.55 24.55 -16.99
CA ARG B 160 3.80 24.00 -16.46
C ARG B 160 5.01 24.78 -16.95
N LYS B 161 4.95 25.29 -18.20
CA LYS B 161 6.04 26.11 -18.71
C LYS B 161 6.11 27.44 -17.97
N ARG B 162 4.97 28.09 -17.76
CA ARG B 162 4.94 29.31 -16.95
C ARG B 162 5.48 29.03 -15.54
N GLN B 163 5.12 27.87 -14.99
CA GLN B 163 5.54 27.52 -13.64
C GLN B 163 7.06 27.43 -13.53
N GLU B 164 7.72 26.86 -14.54
CA GLU B 164 9.17 26.77 -14.55
C GLU B 164 9.84 28.14 -14.43
N GLU B 165 9.13 29.22 -14.76
CA GLU B 165 9.69 30.56 -14.72
C GLU B 165 9.19 31.40 -13.56
N ASP B 166 8.20 30.92 -12.81
CA ASP B 166 7.58 31.71 -11.74
C ASP B 166 7.91 31.05 -10.40
N LYS B 167 8.78 31.71 -9.62
CA LYS B 167 9.05 31.25 -8.27
C LYS B 167 7.79 31.16 -7.43
N LEU B 168 6.84 32.06 -7.65
CA LEU B 168 5.63 32.15 -6.85
C LEU B 168 4.62 31.06 -7.19
N LEU B 169 4.88 30.22 -8.18
CA LEU B 169 4.02 29.09 -8.51
C LEU B 169 4.71 27.74 -8.31
N SER B 170 5.95 27.74 -7.81
CA SER B 170 6.80 26.56 -7.81
C SER B 170 6.25 25.45 -6.92
N LYS B 171 5.52 25.78 -5.86
CA LYS B 171 5.06 24.77 -4.91
C LYS B 171 3.59 24.44 -5.03
N HIS B 172 2.88 25.07 -5.97
CA HIS B 172 1.47 24.77 -6.15
C HIS B 172 1.31 23.45 -6.88
N ILE B 173 0.24 22.73 -6.55
CA ILE B 173 0.03 21.37 -7.01
C ILE B 173 -1.15 21.35 -7.98
N VAL B 174 -1.05 20.57 -9.05
CA VAL B 174 -2.14 20.43 -10.01
C VAL B 174 -2.40 18.94 -10.20
N GLY B 175 -3.59 18.48 -9.80
CA GLY B 175 -4.05 17.16 -10.17
C GLY B 175 -4.95 17.21 -11.40
N VAL B 176 -5.21 16.04 -11.98
CA VAL B 176 -6.07 15.91 -13.16
C VAL B 176 -7.08 14.82 -12.87
N SER B 177 -8.36 15.18 -12.91
CA SER B 177 -9.44 14.20 -12.82
C SER B 177 -9.71 13.63 -14.21
N ILE B 178 -9.83 12.29 -14.32
CA ILE B 178 -10.02 11.64 -15.60
C ILE B 178 -11.26 10.75 -15.56
N GLY B 179 -11.95 10.68 -16.70
CA GLY B 179 -13.17 9.92 -16.80
C GLY B 179 -13.35 9.32 -18.18
N LYS B 180 -14.58 9.03 -18.59
CA LYS B 180 -14.84 8.39 -19.86
C LYS B 180 -15.81 9.23 -20.66
N ASN B 181 -15.67 9.18 -21.98
CA ASN B 181 -16.71 9.74 -22.82
C ASN B 181 -18.01 8.97 -22.59
N LYS B 182 -19.12 9.63 -22.88
CA LYS B 182 -20.43 9.08 -22.54
C LYS B 182 -20.68 7.74 -23.25
N ASP B 183 -20.28 7.61 -24.50
CA ASP B 183 -20.56 6.38 -25.26
C ASP B 183 -19.42 5.37 -25.24
N THR B 184 -18.42 5.56 -24.38
CA THR B 184 -17.33 4.59 -24.30
C THR B 184 -17.80 3.32 -23.60
N VAL B 185 -17.53 2.16 -24.22
CA VAL B 185 -17.98 0.90 -23.66
C VAL B 185 -17.14 0.50 -22.44
N ASN B 186 -15.81 0.46 -22.59
CA ASN B 186 -14.91 0.05 -21.52
CA ASN B 186 -14.91 0.05 -21.51
C ASN B 186 -14.16 1.27 -20.99
N ILE B 187 -14.55 1.75 -19.82
CA ILE B 187 -13.93 2.88 -19.13
C ILE B 187 -12.40 2.81 -19.14
N VAL B 188 -11.84 1.61 -18.99
CA VAL B 188 -10.38 1.51 -18.80
C VAL B 188 -9.62 2.00 -20.04
N ASP B 189 -10.17 1.78 -21.24
CA ASP B 189 -9.55 2.35 -22.43
C ASP B 189 -9.43 3.87 -22.35
N ASP B 190 -10.47 4.53 -21.84
CA ASP B 190 -10.43 5.98 -21.76
C ASP B 190 -9.50 6.44 -20.65
N LEU B 191 -9.54 5.78 -19.49
CA LEU B 191 -8.60 6.15 -18.43
C LEU B 191 -7.17 5.98 -18.90
N LYS B 192 -6.87 4.86 -19.56
CA LYS B 192 -5.54 4.61 -20.10
C LYS B 192 -5.12 5.69 -21.08
N TYR B 193 -6.04 6.08 -21.97
CA TYR B 193 -5.75 7.10 -22.95
C TYR B 193 -5.32 8.39 -22.29
N CYS B 194 -6.06 8.83 -21.26
CA CYS B 194 -5.73 10.08 -20.58
C CYS B 194 -4.39 10.00 -19.86
N ILE B 195 -4.07 8.85 -19.26
CA ILE B 195 -2.78 8.69 -18.57
C ILE B 195 -1.63 8.93 -19.54
N ASN B 196 -1.69 8.28 -20.71
CA ASN B 196 -0.60 8.36 -21.66
C ASN B 196 -0.42 9.75 -22.27
N LYS B 197 -1.44 10.61 -22.20
CA LYS B 197 -1.35 11.96 -22.73
C LYS B 197 -0.96 12.97 -21.66
N ILE B 198 -1.69 12.97 -20.56
CA ILE B 198 -1.56 14.01 -19.55
C ILE B 198 -0.86 13.53 -18.28
N GLY B 199 -0.55 12.24 -18.16
CA GLY B 199 0.02 11.73 -16.91
C GLY B 199 1.33 12.38 -16.52
N ARG B 200 2.20 12.64 -17.50
CA ARG B 200 3.52 13.22 -17.25
C ARG B 200 3.47 14.61 -16.62
N TYR B 201 2.33 15.30 -16.70
CA TYR B 201 2.21 16.67 -16.27
C TYR B 201 1.36 16.81 -15.01
N ALA B 202 0.83 15.71 -14.49
CA ALA B 202 -0.03 15.72 -13.34
C ALA B 202 0.77 15.41 -12.06
N ASP B 203 0.46 16.13 -10.98
CA ASP B 203 1.04 15.77 -9.69
C ASP B 203 0.28 14.61 -9.05
N TYR B 204 -1.00 14.48 -9.40
CA TYR B 204 -1.79 13.31 -9.05
C TYR B 204 -2.89 13.13 -10.08
N ILE B 205 -3.38 11.90 -10.20
CA ILE B 205 -4.51 11.57 -11.06
C ILE B 205 -5.68 11.18 -10.17
N ALA B 206 -6.84 11.80 -10.42
CA ALA B 206 -8.07 11.44 -9.72
C ALA B 206 -8.96 10.60 -10.64
N ILE B 207 -9.19 9.35 -10.27
CA ILE B 207 -10.06 8.47 -11.02
C ILE B 207 -11.50 8.80 -10.64
N ASN B 208 -12.27 9.35 -11.59
CA ASN B 208 -13.68 9.71 -11.37
C ASN B 208 -14.58 8.53 -11.74
N VAL B 209 -15.04 7.82 -10.72
CA VAL B 209 -16.03 6.76 -10.89
C VAL B 209 -17.33 7.11 -10.17
N SER B 210 -17.59 8.41 -9.95
CA SER B 210 -18.68 8.82 -9.09
C SER B 210 -19.52 9.97 -9.65
N SER B 211 -19.22 10.50 -10.83
CA SER B 211 -20.13 11.47 -11.43
C SER B 211 -21.50 10.83 -11.56
N PRO B 212 -22.57 11.52 -11.13
CA PRO B 212 -23.91 10.98 -11.34
C PRO B 212 -24.47 11.26 -12.72
N ASN B 213 -23.75 12.03 -13.55
CA ASN B 213 -24.31 12.61 -14.77
C ASN B 213 -23.84 11.91 -16.05
N THR B 214 -23.14 10.78 -15.92
CA THR B 214 -22.80 9.92 -17.05
C THR B 214 -23.41 8.56 -16.77
N PRO B 215 -24.40 8.11 -17.55
CA PRO B 215 -25.07 6.84 -17.24
C PRO B 215 -24.08 5.70 -17.07
N GLY B 216 -24.34 4.87 -16.07
CA GLY B 216 -23.54 3.69 -15.81
C GLY B 216 -22.21 3.93 -15.13
N LEU B 217 -21.77 5.19 -15.00
CA LEU B 217 -20.44 5.45 -14.48
C LEU B 217 -20.27 4.92 -13.06
N ARG B 218 -21.26 5.18 -12.19
CA ARG B 218 -21.13 4.82 -10.78
C ARG B 218 -21.06 3.31 -10.56
N ASP B 219 -21.56 2.52 -11.53
CA ASP B 219 -21.46 1.07 -11.44
C ASP B 219 -20.02 0.62 -11.26
N ASN B 220 -19.06 1.45 -11.66
CA ASN B 220 -17.65 1.09 -11.56
C ASN B 220 -17.10 1.21 -10.15
N GLN B 221 -17.93 1.55 -9.16
CA GLN B 221 -17.51 1.47 -7.76
C GLN B 221 -17.72 0.08 -7.17
N GLU B 222 -18.27 -0.86 -7.95
CA GLU B 222 -18.32 -2.24 -7.52
C GLU B 222 -16.91 -2.79 -7.36
N ALA B 223 -16.70 -3.62 -6.34
CA ALA B 223 -15.35 -3.98 -5.88
C ALA B 223 -14.49 -4.54 -7.00
N GLY B 224 -15.00 -5.54 -7.74
CA GLY B 224 -14.22 -6.16 -8.79
C GLY B 224 -13.86 -5.21 -9.91
N LYS B 225 -14.85 -4.42 -10.37
CA LYS B 225 -14.59 -3.44 -11.42
C LYS B 225 -13.65 -2.34 -10.96
N LEU B 226 -13.83 -1.82 -9.74
CA LEU B 226 -12.94 -0.79 -9.22
C LEU B 226 -11.51 -1.32 -9.12
N LYS B 227 -11.34 -2.55 -8.63
CA LYS B 227 -10.00 -3.12 -8.49
C LYS B 227 -9.27 -3.14 -9.84
N ASN B 228 -9.91 -3.69 -10.88
CA ASN B 228 -9.31 -3.70 -12.21
C ASN B 228 -9.01 -2.29 -12.71
N ILE B 229 -9.89 -1.33 -12.43
CA ILE B 229 -9.66 0.05 -12.86
C ILE B 229 -8.40 0.61 -12.19
N ILE B 230 -8.30 0.48 -10.87
CA ILE B 230 -7.15 1.03 -10.17
C ILE B 230 -5.86 0.38 -10.67
N LEU B 231 -5.84 -0.96 -10.71
CA LEU B 231 -4.65 -1.68 -11.14
C LEU B 231 -4.25 -1.29 -12.56
N SER B 232 -5.24 -1.13 -13.46
CA SER B 232 -4.95 -0.72 -14.82
C SER B 232 -4.38 0.69 -14.87
N VAL B 233 -4.93 1.61 -14.09
CA VAL B 233 -4.42 2.98 -14.08
C VAL B 233 -3.00 3.01 -13.52
N LYS B 234 -2.80 2.38 -12.36
CA LYS B 234 -1.46 2.29 -11.77
C LYS B 234 -0.47 1.67 -12.75
N GLU B 235 -0.87 0.55 -13.38
CA GLU B 235 0.00 -0.11 -14.35
C GLU B 235 0.37 0.84 -15.50
N GLU B 236 -0.62 1.59 -16.01
CA GLU B 236 -0.35 2.49 -17.12
C GLU B 236 0.57 3.64 -16.69
N ILE B 237 0.36 4.19 -15.50
CA ILE B 237 1.27 5.21 -14.98
C ILE B 237 2.68 4.64 -14.79
N ASP B 238 2.77 3.45 -14.20
CA ASP B 238 4.08 2.80 -14.02
C ASP B 238 4.75 2.50 -15.36
N ASN B 239 3.96 2.23 -16.41
CA ASN B 239 4.55 1.96 -17.72
C ASN B 239 5.17 3.21 -18.35
N LEU B 240 4.74 4.41 -17.95
CA LEU B 240 5.39 5.63 -18.44
C LEU B 240 6.87 5.66 -18.08
N GLU B 241 7.22 5.11 -16.90
CA GLU B 241 8.63 5.04 -16.50
C GLU B 241 9.37 3.96 -17.27
N LYS B 242 8.73 2.79 -17.47
CA LYS B 242 9.34 1.73 -18.26
C LYS B 242 9.67 2.21 -19.66
N ASN B 243 8.66 2.68 -20.39
CA ASN B 243 8.88 3.29 -21.70
C ASN B 243 9.58 4.63 -21.56
N LEU B 251 11.82 13.75 -17.07
CA LEU B 251 10.70 12.88 -17.41
C LEU B 251 9.38 13.42 -16.89
N TRP B 252 9.34 13.79 -15.60
CA TRP B 252 8.12 14.26 -14.96
C TRP B 252 8.07 15.79 -15.02
N PHE B 253 7.08 16.31 -15.73
CA PHE B 253 6.96 17.75 -15.93
C PHE B 253 5.83 18.31 -15.10
N ASN B 254 5.96 18.20 -13.79
CA ASN B 254 4.92 18.59 -12.85
C ASN B 254 5.60 19.29 -11.67
N THR B 255 4.91 19.36 -10.54
CA THR B 255 5.49 20.06 -9.41
C THR B 255 6.41 19.15 -8.61
N THR B 256 5.94 17.93 -8.34
CA THR B 256 6.73 16.99 -7.56
C THR B 256 7.98 16.55 -8.30
N LYS B 257 7.97 16.61 -9.64
CA LYS B 257 8.95 15.93 -10.49
C LYS B 257 9.03 14.44 -10.13
N LYS B 258 7.88 13.90 -9.75
CA LYS B 258 7.72 12.49 -9.43
C LYS B 258 6.49 11.95 -10.15
N LYS B 259 6.46 10.63 -10.26
CA LYS B 259 5.29 9.91 -10.75
C LYS B 259 4.02 10.43 -10.06
N PRO B 260 2.93 10.66 -10.78
CA PRO B 260 1.73 11.16 -10.12
C PRO B 260 1.16 10.10 -9.18
N LEU B 261 0.67 10.57 -8.03
CA LEU B 261 -0.10 9.71 -7.14
C LEU B 261 -1.46 9.45 -7.76
N VAL B 262 -2.18 8.47 -7.20
CA VAL B 262 -3.47 8.09 -7.76
C VAL B 262 -4.51 8.14 -6.65
N PHE B 263 -5.56 8.92 -6.89
CA PHE B 263 -6.71 9.02 -6.00
C PHE B 263 -7.94 8.44 -6.69
N VAL B 264 -8.93 8.06 -5.88
CA VAL B 264 -10.24 7.70 -6.39
CA VAL B 264 -10.24 7.70 -6.39
C VAL B 264 -11.25 8.64 -5.75
N LYS B 265 -12.18 9.14 -6.57
CA LYS B 265 -13.25 9.99 -6.09
C LYS B 265 -14.52 9.14 -6.00
N LEU B 266 -15.12 9.11 -4.82
CA LEU B 266 -16.22 8.20 -4.54
C LEU B 266 -17.52 8.98 -4.36
N ALA B 267 -18.62 8.31 -4.65
CA ALA B 267 -19.94 8.87 -4.46
C ALA B 267 -20.44 8.59 -3.05
N PRO B 268 -21.18 9.54 -2.46
CA PRO B 268 -21.72 9.29 -1.12
C PRO B 268 -22.90 8.34 -1.11
N ASP B 269 -23.48 8.02 -2.27
CA ASP B 269 -24.69 7.21 -2.34
C ASP B 269 -24.31 5.74 -2.46
N LEU B 270 -23.85 5.20 -1.34
CA LEU B 270 -23.44 3.81 -1.20
C LEU B 270 -23.94 3.31 0.15
N ASN B 271 -24.29 2.02 0.20
CA ASN B 271 -24.61 1.43 1.49
C ASN B 271 -23.31 0.96 2.15
N GLN B 272 -23.42 0.39 3.36
CA GLN B 272 -22.23 0.07 4.12
C GLN B 272 -21.45 -1.09 3.51
N GLU B 273 -22.15 -2.11 3.01
CA GLU B 273 -21.48 -3.24 2.38
C GLU B 273 -20.59 -2.79 1.22
N GLN B 274 -21.07 -1.85 0.40
CA GLN B 274 -20.24 -1.38 -0.72
C GLN B 274 -19.08 -0.53 -0.23
N LYS B 275 -19.31 0.29 0.81
CA LYS B 275 -18.21 1.08 1.36
C LYS B 275 -17.11 0.16 1.89
N LYS B 276 -17.48 -0.94 2.53
CA LYS B 276 -16.48 -1.85 3.09
C LYS B 276 -15.71 -2.57 2.00
N GLU B 277 -16.41 -3.04 0.95
CA GLU B 277 -15.69 -3.76 -0.10
C GLU B 277 -14.81 -2.82 -0.91
N ILE B 278 -15.22 -1.55 -1.07
CA ILE B 278 -14.36 -0.57 -1.70
C ILE B 278 -13.09 -0.36 -0.87
N ALA B 279 -13.26 -0.21 0.45
CA ALA B 279 -12.12 -0.02 1.34
C ALA B 279 -11.12 -1.16 1.23
N ASP B 280 -11.61 -2.41 1.27
CA ASP B 280 -10.73 -3.56 1.08
C ASP B 280 -9.95 -3.48 -0.22
N VAL B 281 -10.59 -2.95 -1.28
CA VAL B 281 -9.92 -2.82 -2.58
C VAL B 281 -8.86 -1.73 -2.53
N LEU B 282 -9.18 -0.60 -1.89
CA LEU B 282 -8.23 0.51 -1.79
C LEU B 282 -6.98 0.08 -1.03
N LEU B 283 -7.16 -0.67 0.05
CA LEU B 283 -6.02 -1.21 0.79
C LEU B 283 -5.19 -2.17 -0.07
N GLU B 284 -5.85 -3.08 -0.78
CA GLU B 284 -5.11 -4.10 -1.54
C GLU B 284 -4.35 -3.49 -2.71
N THR B 285 -4.95 -2.50 -3.39
CA THR B 285 -4.37 -1.88 -4.57
C THR B 285 -3.43 -0.72 -4.25
N ASN B 286 -3.33 -0.31 -2.98
CA ASN B 286 -2.40 0.73 -2.58
C ASN B 286 -2.75 2.08 -3.24
N ILE B 287 -4.03 2.43 -3.27
CA ILE B 287 -4.40 3.76 -3.76
C ILE B 287 -3.77 4.80 -2.84
N ASP B 288 -3.43 5.97 -3.40
CA ASP B 288 -2.69 6.97 -2.62
C ASP B 288 -3.58 7.92 -1.85
N GLY B 289 -4.87 7.98 -2.18
CA GLY B 289 -5.80 8.83 -1.48
C GLY B 289 -7.18 8.56 -2.00
N MET B 290 -8.18 8.95 -1.21
CA MET B 290 -9.56 8.87 -1.67
C MET B 290 -10.25 10.22 -1.46
N ILE B 291 -10.93 10.70 -2.50
CA ILE B 291 -11.63 11.97 -2.46
C ILE B 291 -13.06 11.68 -2.01
N ILE B 292 -13.43 12.20 -0.84
CA ILE B 292 -14.72 11.93 -0.21
C ILE B 292 -15.36 13.29 0.03
N SER B 293 -16.38 13.64 -0.77
CA SER B 293 -16.99 12.77 -1.75
C SER B 293 -17.50 13.60 -2.94
N ASN B 294 -18.11 12.92 -3.91
CA ASN B 294 -18.71 13.59 -5.06
C ASN B 294 -20.10 14.10 -4.65
N THR B 295 -20.87 14.63 -5.61
CA THR B 295 -22.20 15.11 -5.30
C THR B 295 -23.15 13.94 -5.01
N THR B 296 -24.31 14.26 -4.45
CA THR B 296 -25.28 13.25 -4.04
C THR B 296 -26.57 13.37 -4.84
N THR B 297 -27.23 12.23 -5.04
CA THR B 297 -28.55 12.17 -5.65
C THR B 297 -29.63 11.75 -4.65
N GLN B 298 -29.30 11.74 -3.35
CA GLN B 298 -30.20 11.27 -2.31
C GLN B 298 -31.03 12.38 -1.68
N ILE B 299 -30.69 13.64 -1.92
CA ILE B 299 -31.37 14.77 -1.29
C ILE B 299 -32.60 15.14 -2.09
N ASN B 300 -33.71 15.39 -1.41
CA ASN B 300 -34.77 16.17 -2.01
C ASN B 300 -35.71 16.77 -0.96
N ASP B 301 -35.13 17.53 -0.04
CA ASP B 301 -35.87 18.51 0.76
C ASP B 301 -35.44 19.93 0.41
N ILE B 302 -34.98 20.11 -0.82
CA ILE B 302 -34.67 21.42 -1.38
C ILE B 302 -35.76 21.75 -2.39
N LYS B 303 -36.50 22.82 -2.13
CA LYS B 303 -37.66 23.13 -2.95
C LYS B 303 -37.26 23.77 -4.28
N SER B 304 -36.33 24.72 -4.26
CA SER B 304 -36.00 25.47 -5.47
C SER B 304 -35.46 24.60 -6.60
N PHE B 305 -34.96 23.41 -6.29
CA PHE B 305 -34.75 22.40 -7.33
C PHE B 305 -35.21 21.05 -6.78
N GLU B 306 -36.51 20.79 -6.94
CA GLU B 306 -37.13 19.53 -6.55
C GLU B 306 -37.33 18.57 -7.73
N ASN B 307 -37.69 19.11 -8.88
CA ASN B 307 -37.91 18.31 -10.08
C ASN B 307 -36.62 18.03 -10.86
N LYS B 308 -35.53 18.71 -10.54
CA LYS B 308 -34.38 18.77 -11.42
C LYS B 308 -33.58 17.48 -11.37
N LYS B 309 -32.59 17.39 -12.26
CA LYS B 309 -31.74 16.24 -12.42
C LYS B 309 -30.30 16.57 -12.01
N GLY B 310 -29.57 15.57 -11.58
CA GLY B 310 -28.16 15.69 -11.29
C GLY B 310 -27.85 15.47 -9.83
N GLY B 311 -26.66 15.92 -9.43
CA GLY B 311 -26.16 15.76 -8.08
C GLY B 311 -26.10 17.08 -7.33
N VAL B 312 -26.32 17.01 -6.03
CA VAL B 312 -26.37 18.18 -5.16
C VAL B 312 -25.03 18.37 -4.48
N SER B 313 -24.53 19.60 -4.49
CA SER B 313 -23.37 20.01 -3.73
C SER B 313 -23.75 21.13 -2.77
N GLY B 314 -22.81 21.49 -1.90
CA GLY B 314 -22.99 22.64 -1.03
C GLY B 314 -23.33 22.26 0.41
N ALA B 315 -23.95 23.22 1.10
CA ALA B 315 -24.17 23.09 2.54
C ALA B 315 -24.98 21.84 2.87
N LYS B 316 -25.90 21.44 1.99
CA LYS B 316 -26.69 20.24 2.23
C LYS B 316 -25.90 18.95 2.03
N LEU B 317 -24.70 19.01 1.47
CA LEU B 317 -23.85 17.82 1.34
C LEU B 317 -22.88 17.65 2.51
N LYS B 318 -22.76 18.65 3.39
CA LYS B 318 -21.68 18.65 4.38
C LYS B 318 -21.80 17.46 5.33
N ASP B 319 -22.97 17.27 5.95
CA ASP B 319 -23.11 16.23 6.96
C ASP B 319 -22.99 14.84 6.35
N ILE B 320 -23.61 14.62 5.20
CA ILE B 320 -23.45 13.34 4.50
C ILE B 320 -21.98 13.09 4.20
N SER B 321 -21.30 14.10 3.66
CA SER B 321 -19.90 13.95 3.28
C SER B 321 -19.01 13.65 4.48
N THR B 322 -19.18 14.41 5.56
CA THR B 322 -18.34 14.22 6.73
C THR B 322 -18.51 12.83 7.32
N LYS B 323 -19.76 12.39 7.51
CA LYS B 323 -20.01 11.05 8.02
C LYS B 323 -19.33 10.00 7.15
N PHE B 324 -19.35 10.21 5.83
CA PHE B 324 -18.69 9.31 4.88
C PHE B 324 -17.18 9.31 5.11
N ILE B 325 -16.60 10.46 5.47
CA ILE B 325 -15.17 10.50 5.77
C ILE B 325 -14.85 9.64 6.99
N CYS B 326 -15.65 9.76 8.05
CA CYS B 326 -15.43 8.96 9.25
C CYS B 326 -15.53 7.48 8.93
N GLU B 327 -16.51 7.09 8.10
CA GLU B 327 -16.69 5.68 7.77
C GLU B 327 -15.49 5.11 7.03
N MET B 328 -15.05 5.78 5.97
CA MET B 328 -13.95 5.25 5.17
C MET B 328 -12.63 5.34 5.92
N TYR B 329 -12.46 6.35 6.78
CA TYR B 329 -11.26 6.43 7.61
C TYR B 329 -11.10 5.16 8.44
N ASN B 330 -12.20 4.68 9.02
CA ASN B 330 -12.12 3.48 9.85
C ASN B 330 -12.10 2.21 9.01
N TYR B 331 -12.87 2.20 7.92
CA TYR B 331 -12.92 1.04 7.04
C TYR B 331 -11.55 0.74 6.42
N THR B 332 -10.79 1.79 6.11
CA THR B 332 -9.42 1.62 5.62
C THR B 332 -8.39 1.67 6.75
N ASN B 333 -8.84 1.61 8.01
CA ASN B 333 -7.94 1.55 9.18
C ASN B 333 -6.89 2.66 9.15
N LYS B 334 -7.29 3.85 8.68
CA LYS B 334 -6.48 5.06 8.71
C LYS B 334 -5.27 4.97 7.78
N GLN B 335 -5.27 4.05 6.82
CA GLN B 335 -4.12 3.83 5.96
C GLN B 335 -4.18 4.61 4.65
N ILE B 336 -5.34 5.16 4.31
CA ILE B 336 -5.54 5.87 3.05
C ILE B 336 -5.84 7.33 3.33
N PRO B 337 -4.95 8.26 2.97
CA PRO B 337 -5.24 9.69 3.15
C PRO B 337 -6.52 10.09 2.43
N ILE B 338 -7.21 11.08 3.01
CA ILE B 338 -8.51 11.49 2.53
C ILE B 338 -8.44 12.94 2.07
N ILE B 339 -8.97 13.19 0.87
CA ILE B 339 -9.22 14.53 0.36
C ILE B 339 -10.70 14.82 0.58
N ALA B 340 -11.01 15.86 1.36
CA ALA B 340 -12.38 16.19 1.73
C ALA B 340 -13.02 17.08 0.67
N SER B 341 -14.24 16.73 0.26
CA SER B 341 -15.05 17.54 -0.63
C SER B 341 -16.51 17.44 -0.22
N GLY B 342 -17.18 18.59 -0.06
CA GLY B 342 -18.59 18.60 0.28
C GLY B 342 -18.99 19.58 1.37
N GLY B 343 -19.50 20.73 0.96
CA GLY B 343 -20.08 21.68 1.90
C GLY B 343 -19.11 22.45 2.77
N ILE B 344 -17.86 22.60 2.34
CA ILE B 344 -16.87 23.30 3.15
C ILE B 344 -16.95 24.79 2.82
N PHE B 345 -17.30 25.61 3.81
CA PHE B 345 -17.44 27.04 3.62
C PHE B 345 -16.63 27.84 4.63
N SER B 346 -16.41 27.28 5.82
CA SER B 346 -15.87 28.02 6.95
C SER B 346 -14.69 27.26 7.56
N GLY B 347 -13.96 27.96 8.43
CA GLY B 347 -12.92 27.29 9.19
C GLY B 347 -13.47 26.16 10.02
N LEU B 348 -14.63 26.37 10.66
CA LEU B 348 -15.30 25.29 11.37
C LEU B 348 -15.53 24.09 10.45
N ASP B 349 -16.08 24.33 9.25
CA ASP B 349 -16.33 23.24 8.31
C ASP B 349 -15.04 22.47 8.02
N ALA B 350 -13.95 23.20 7.76
CA ALA B 350 -12.68 22.56 7.41
C ALA B 350 -12.18 21.68 8.54
N LEU B 351 -12.23 22.19 9.77
CA LEU B 351 -11.74 21.42 10.91
C LEU B 351 -12.60 20.19 11.17
N GLU B 352 -13.91 20.31 10.97
CA GLU B 352 -14.78 19.14 11.02
C GLU B 352 -14.29 18.05 10.07
N LYS B 353 -13.97 18.42 8.83
CA LYS B 353 -13.45 17.44 7.87
C LYS B 353 -12.10 16.88 8.32
N ILE B 354 -11.18 17.77 8.70
CA ILE B 354 -9.84 17.33 9.08
C ILE B 354 -9.90 16.38 10.28
N GLU B 355 -10.63 16.79 11.32
CA GLU B 355 -10.72 15.95 12.52
C GLU B 355 -11.41 14.63 12.23
N ALA B 356 -12.27 14.60 11.22
CA ALA B 356 -12.94 13.36 10.85
C ALA B 356 -12.03 12.39 10.11
N GLY B 357 -10.89 12.85 9.60
CA GLY B 357 -9.97 11.98 8.88
C GLY B 357 -9.28 12.57 7.65
N ALA B 358 -9.75 13.73 7.18
CA ALA B 358 -9.19 14.32 5.96
C ALA B 358 -7.88 15.02 6.26
N SER B 359 -6.96 14.94 5.29
CA SER B 359 -5.70 15.67 5.35
C SER B 359 -5.75 16.99 4.59
N VAL B 360 -6.71 17.15 3.68
CA VAL B 360 -6.78 18.35 2.85
C VAL B 360 -8.23 18.53 2.41
N CYS B 361 -8.57 19.76 1.99
CA CYS B 361 -9.94 20.14 1.67
C CYS B 361 -10.01 20.71 0.26
N GLN B 362 -11.10 20.41 -0.43
CA GLN B 362 -11.38 20.96 -1.75
C GLN B 362 -12.64 21.79 -1.67
N LEU B 363 -12.63 22.93 -2.37
CA LEU B 363 -13.78 23.83 -2.40
C LEU B 363 -14.36 23.92 -3.81
N TYR B 364 -15.69 23.97 -3.87
CA TYR B 364 -16.40 24.36 -5.09
C TYR B 364 -17.50 25.35 -4.72
N SER B 365 -18.54 24.86 -4.05
CA SER B 365 -19.68 25.69 -3.68
C SER B 365 -19.25 26.95 -2.92
N CYS B 366 -18.20 26.86 -2.11
CA CYS B 366 -17.73 28.04 -1.40
C CYS B 366 -17.36 29.16 -2.35
N LEU B 367 -16.76 28.82 -3.50
CA LEU B 367 -16.39 29.85 -4.46
C LEU B 367 -17.62 30.46 -5.12
N VAL B 368 -18.68 29.66 -5.26
CA VAL B 368 -19.91 30.17 -5.88
C VAL B 368 -20.60 31.17 -4.96
N PHE B 369 -20.63 30.90 -3.66
CA PHE B 369 -21.42 31.73 -2.76
C PHE B 369 -20.60 32.74 -1.98
N ASN B 370 -19.28 32.54 -1.87
CA ASN B 370 -18.41 33.47 -1.16
C ASN B 370 -17.46 34.23 -2.07
N GLY B 371 -17.11 33.68 -3.23
CA GLY B 371 -16.44 34.48 -4.24
C GLY B 371 -14.94 34.57 -4.07
N MET B 372 -14.37 35.67 -4.58
CA MET B 372 -12.93 35.83 -4.64
C MET B 372 -12.26 35.66 -3.28
N LYS B 373 -12.96 36.01 -2.20
CA LYS B 373 -12.40 35.97 -0.86
C LYS B 373 -12.35 34.57 -0.26
N SER B 374 -12.78 33.53 -1.01
CA SER B 374 -13.01 32.22 -0.40
C SER B 374 -11.75 31.70 0.29
N ALA B 375 -10.60 31.81 -0.37
CA ALA B 375 -9.39 31.20 0.15
C ALA B 375 -8.80 32.01 1.32
N VAL B 376 -8.70 33.33 1.17
CA VAL B 376 -8.15 34.13 2.27
C VAL B 376 -9.00 33.98 3.52
N GLN B 377 -10.33 34.05 3.38
CA GLN B 377 -11.19 33.97 4.55
C GLN B 377 -11.05 32.61 5.26
N ILE B 378 -11.08 31.52 4.49
CA ILE B 378 -11.10 30.21 5.13
C ILE B 378 -9.75 29.90 5.78
N LYS B 379 -8.65 30.37 5.18
CA LYS B 379 -7.33 30.16 5.78
C LYS B 379 -7.21 30.90 7.10
N ARG B 380 -7.73 32.13 7.16
CA ARG B 380 -7.67 32.90 8.40
C ARG B 380 -8.54 32.26 9.47
N GLU B 381 -9.78 31.90 9.13
CA GLU B 381 -10.66 31.23 10.08
C GLU B 381 -10.03 29.96 10.64
N LEU B 382 -9.38 29.17 9.77
CA LEU B 382 -8.75 27.93 10.25
C LEU B 382 -7.61 28.22 11.20
N ASN B 383 -6.75 29.20 10.87
CA ASN B 383 -5.67 29.58 11.77
C ASN B 383 -6.19 30.02 13.13
N HIS B 384 -7.19 30.90 13.15
CA HIS B 384 -7.82 31.27 14.43
C HIS B 384 -8.29 30.03 15.17
N LEU B 385 -8.86 29.07 14.44
CA LEU B 385 -9.42 27.87 15.07
C LEU B 385 -8.32 26.98 15.64
N LEU B 386 -7.21 26.80 14.91
CA LEU B 386 -6.12 25.99 15.45
C LEU B 386 -5.59 26.59 16.74
N TYR B 387 -5.59 27.91 16.85
CA TYR B 387 -5.23 28.58 18.10
C TYR B 387 -6.24 28.28 19.19
N GLN B 388 -7.52 28.53 18.90
CA GLN B 388 -8.56 28.40 19.91
C GLN B 388 -8.71 26.97 20.40
N ARG B 389 -8.36 26.00 19.57
CA ARG B 389 -8.59 24.59 19.90
C ARG B 389 -7.40 23.95 20.59
N GLY B 390 -6.22 24.57 20.57
CA GLY B 390 -5.06 24.06 21.26
C GLY B 390 -4.09 23.30 20.39
N TYR B 391 -4.34 23.22 19.08
CA TYR B 391 -3.49 22.43 18.20
C TYR B 391 -2.14 23.10 18.00
N TYR B 392 -1.09 22.30 17.92
CA TYR B 392 0.21 22.84 17.54
C TYR B 392 0.26 23.11 16.04
N ASN B 393 -0.24 22.18 15.23
CA ASN B 393 -0.32 22.37 13.78
C ASN B 393 -1.51 21.59 13.24
N LEU B 394 -1.78 21.76 11.95
CA LEU B 394 -2.93 21.09 11.35
C LEU B 394 -2.76 19.58 11.36
N LYS B 395 -1.56 19.07 11.07
CA LYS B 395 -1.34 17.63 11.02
C LYS B 395 -1.78 16.94 12.31
N GLU B 396 -1.62 17.62 13.46
CA GLU B 396 -2.06 17.06 14.73
C GLU B 396 -3.57 16.80 14.76
N ALA B 397 -4.35 17.59 14.00
CA ALA B 397 -5.80 17.49 14.03
C ALA B 397 -6.35 16.38 13.15
N ILE B 398 -5.56 15.86 12.21
CA ILE B 398 -6.08 14.86 11.27
C ILE B 398 -6.57 13.63 12.03
N GLY B 399 -7.85 13.33 11.89
CA GLY B 399 -8.42 12.16 12.51
C GLY B 399 -8.63 12.22 14.00
N ARG B 400 -8.44 13.39 14.63
CA ARG B 400 -8.53 13.48 16.09
C ARG B 400 -9.89 13.07 16.63
N LYS B 401 -10.94 13.15 15.82
CA LYS B 401 -12.26 12.73 16.27
C LYS B 401 -12.29 11.27 16.67
N HIS B 402 -11.45 10.45 16.05
CA HIS B 402 -11.38 9.02 16.34
C HIS B 402 -10.35 8.80 17.44
N SER B 403 -10.76 9.13 18.67
CA SER B 403 -9.88 9.10 19.84
C SER B 403 -8.66 9.98 19.61
#